data_8WWN
#
_entry.id   8WWN
#
_cell.length_a   1.00
_cell.length_b   1.00
_cell.length_c   1.00
_cell.angle_alpha   90.00
_cell.angle_beta   90.00
_cell.angle_gamma   90.00
#
_symmetry.space_group_name_H-M   'P 1'
#
loop_
_entity.id
_entity.type
_entity.pdbx_description
1 polymer 'Guanine nucleotide-binding protein G(i) subunit alpha-1'
2 polymer 'Guanine nucleotide-binding protein G(I)/G(S)/G(T) subunit beta-1'
3 polymer 'Guanine nucleotide-binding protein G(I)/G(S)/G(O) subunit gamma-2'
4 polymer 'Antibody fragment ScFv16'
5 polymer 'Fusion protein 1,Melanin-concentrating hormone receptor 1,Fusion protein 2'
6 polymer 'Melanin-concentrating hormone'
#
loop_
_entity_poly.entity_id
_entity_poly.type
_entity_poly.pdbx_seq_one_letter_code
_entity_poly.pdbx_strand_id
1 'polypeptide(L)'
;MGCTLSAEDKAAVERSKMIDRNLREDGEKAAREVKLLLLGAGESGKNTIVKQMKIIHEAGYSEEECKQYKAVVYSNTIQS
IIAIIRAMGRLKIDFGDSARADDARQLFVLAGAAEEGFMTAELAGVIKRLWKDSGVQACFNRSREYQLNDSAAYYLNDLD
RIAQPNYIPTQQDVLRTRVKTTGIVETHFTFKDLHFKMFDVGAQRSERKKWIHCFEGVTAIIFCVALSDYDLVLAEDEEM
NRMHASMKLFDSICNNKWFTDTSIILFLNKKDLFEEKIKKSPLTICYPEYAGSNTYEEAAAYIQCQFEDLNKRKDTKEIY
THFTCSTDTKNVQFVFDAVTDVIIKNNLKDCGLF
;
A
2 'polypeptide(L)'
;MHHHHHHGSSGSELDQLRQEAEQLKNQIRDARKACADATLSQITNNIDPVGRIQMRTRRTLRGHLAKIYAMHWGTDSRLL
VSASQDGKLIIWDSYTTNKVHAIPLRSSWVMTCAYAPSGNYVACGGLDNICSIYNLKTREGNVRVSRELAGHTGYLSCCR
FLDDNQIVTSSGDTTCALWDIETGQQTTTFTGHTGDVMSLSLAPDTRLFVSGACDASAKLWDVREGMCRQTFTGHESDIN
AICFFPNGNAFATGSDDATCRLFDLRADQELMTYSHDNIICGITSVSFSKSGRLLLAGYDDFNCNVWDALKADRAGVLAG
HDNRVSCLGVTDDGMAVATGSWDSFLKIWNGSSGGGGSGGGGSSGVSGWRLFKKIS
;
B
3 'polypeptide(L)' MASNNTASIAQARKLVEQLKMEANIDRIKVSKAAADLMAYCEAHAKEDPLLTPVPASENPFREKKFFCAIL C
4 'polypeptide(L)'
;DVQLVESGGGLVQPGGSRKLSCSASGFAFSSFGMHWVRQAPEKGLEWVAYISSGSGTIYYADTVKGRFTISRDDPKNTLF
LQMTSLRSEDTAMYYCVRSIYYYGSSPFDFWGQGTTLTVSSGGGGSGGGGSGGGGSDIVMTQATSSVPVTPGESVSISCR
SSKSLLHSNGNTYLYWFLQRPGQSPQLLIYRMSNLASGVPDRFSGSGSGTAFTLTISRLEAEDVGVYYCMQHLEYPLTFG
AGTKLELLEENLYFQ
;
E
5 'polypeptide(L)'
;DYKDDDDHHHHHHHHGQPGNGSAFLLAPNGSHAPDHNVTQQRDEENLYFQGVDMSVGAMKKGVGRAVGLGGGSGCQATEE
DPLPNCGACAPGQGGRRWRLPQPAWVEGSSARLWEQATGTGWMDLEASLLPTGPNASNTSDGPDNLTSAGSPPRTGSISY
INIIMPSVFGTICLLGIIGNSTVIFAVVKKSKLHWCNNVPDIFIINLSVVDLLFLLGMPFMIHQLMGNGVWHFGETMCTL
ITAMDANSQFTSTYILTAMAIDRYLATVHPISSTKFRKPSVATLVICLLWALSFISITPVWLYARLIPFPGGAVGCGIRL
PNPDTDLYWFTLYQFFLAFALPFVVITAAYVRILQRMTSSVAPASQRSIRLRTKRVTRTAIAICLVFFVCWAPYYVLQLT
QLSISRPTLTFVYLYNAAISLGYANSCLNPFVYIVLCETFRKRLVLSVKHMGSSGGGGSGGGGSSGVFTLEDFVGDWEQT
AAYNLDQVLEQGGVSSLLQNLAVSVTPIQRIVRSGENALKIDIHVIIPYEGLSADQMAQIEEVFKVVYPVDDHHFKVILP
YGTLVIDGVTPNMLNYFGRPYEGIAVFDGKKITVTGTLWNGNKIIDERLITPDGSMLFRVTINS
;
R
6 'polypeptide(L)' DFDMLRCMLGRVYRPCWQV L
#
# COMPACT_ATOMS: atom_id res chain seq x y z
N THR A 4 -2.57 -27.15 1.86
CA THR A 4 -2.12 -27.95 3.00
C THR A 4 -2.21 -27.18 4.31
N LEU A 5 -3.23 -26.32 4.41
CA LEU A 5 -3.44 -25.52 5.59
C LEU A 5 -4.22 -26.31 6.64
N SER A 6 -4.04 -25.92 7.90
CA SER A 6 -4.82 -26.49 8.99
C SER A 6 -6.13 -25.72 9.13
N ALA A 7 -6.99 -26.17 10.06
CA ALA A 7 -8.26 -25.50 10.28
C ALA A 7 -8.04 -24.07 10.78
N GLU A 8 -7.07 -23.87 11.67
CA GLU A 8 -6.78 -22.54 12.18
C GLU A 8 -6.05 -21.68 11.16
N ASP A 9 -5.22 -22.29 10.31
CA ASP A 9 -4.55 -21.52 9.26
C ASP A 9 -5.56 -20.96 8.27
N LYS A 10 -6.57 -21.76 7.90
CA LYS A 10 -7.57 -21.29 6.96
C LYS A 10 -8.34 -20.10 7.52
N ALA A 11 -8.68 -20.15 8.80
CA ALA A 11 -9.42 -19.04 9.42
C ALA A 11 -8.54 -17.80 9.54
N ALA A 12 -7.23 -17.99 9.70
CA ALA A 12 -6.30 -16.86 9.70
C ALA A 12 -6.22 -16.22 8.31
N VAL A 13 -6.24 -17.04 7.26
CA VAL A 13 -6.26 -16.50 5.91
C VAL A 13 -7.56 -15.76 5.66
N GLU A 14 -8.67 -16.28 6.17
CA GLU A 14 -9.96 -15.62 6.01
C GLU A 14 -9.97 -14.28 6.75
N ARG A 15 -9.31 -14.21 7.91
CA ARG A 15 -9.18 -12.93 8.61
C ARG A 15 -8.32 -11.95 7.82
N SER A 16 -7.25 -12.44 7.20
CA SER A 16 -6.39 -11.57 6.42
C SER A 16 -7.12 -10.98 5.23
N LYS A 17 -8.00 -11.75 4.61
CA LYS A 17 -8.78 -11.25 3.48
C LYS A 17 -9.87 -10.29 3.90
N MET A 18 -10.43 -10.45 5.11
CA MET A 18 -11.34 -9.45 5.64
C MET A 18 -10.63 -8.12 5.86
N ILE A 19 -9.38 -8.17 6.33
CA ILE A 19 -8.58 -6.96 6.47
C ILE A 19 -8.31 -6.34 5.10
N ASP A 20 -8.02 -7.17 4.09
CA ASP A 20 -7.83 -6.66 2.74
C ASP A 20 -9.08 -5.97 2.21
N ARG A 21 -10.26 -6.51 2.55
CA ARG A 21 -11.51 -5.90 2.11
C ARG A 21 -11.69 -4.50 2.69
N ASN A 22 -11.35 -4.31 3.96
CA ASN A 22 -11.46 -3.01 4.60
C ASN A 22 -10.36 -2.05 4.17
N LEU A 23 -9.16 -2.55 3.90
CA LEU A 23 -8.11 -1.69 3.36
C LEU A 23 -8.48 -1.19 1.97
N ARG A 24 -9.06 -2.05 1.14
CA ARG A 24 -9.50 -1.63 -0.18
C ARG A 24 -10.63 -0.61 -0.09
N GLU A 25 -11.55 -0.80 0.86
CA GLU A 25 -12.64 0.16 1.05
C GLU A 25 -12.11 1.52 1.49
N ASP A 26 -11.12 1.54 2.39
CA ASP A 26 -10.58 2.80 2.86
C ASP A 26 -9.82 3.53 1.75
N GLY A 27 -9.08 2.80 0.93
CA GLY A 27 -8.32 3.43 -0.13
C GLY A 27 -9.21 4.07 -1.19
N GLU A 28 -10.31 3.40 -1.54
CA GLU A 28 -11.27 3.99 -2.48
C GLU A 28 -11.93 5.22 -1.89
N LYS A 29 -12.25 5.19 -0.60
CA LYS A 29 -12.78 6.39 0.07
C LYS A 29 -11.75 7.51 0.08
N ALA A 30 -10.48 7.17 0.30
CA ALA A 30 -9.42 8.17 0.35
C ALA A 30 -9.10 8.75 -1.03
N ALA A 31 -9.38 8.01 -2.10
CA ALA A 31 -9.09 8.51 -3.44
C ALA A 31 -10.10 9.55 -3.90
N ARG A 32 -11.28 9.58 -3.30
CA ARG A 32 -12.32 10.55 -3.66
C ARG A 32 -12.21 11.84 -2.88
N GLU A 33 -11.23 11.96 -1.98
CA GLU A 33 -11.09 13.11 -1.12
C GLU A 33 -10.02 14.05 -1.67
N VAL A 34 -10.17 15.33 -1.34
CA VAL A 34 -9.28 16.37 -1.82
C VAL A 34 -8.33 16.75 -0.69
N LYS A 35 -7.03 16.63 -0.93
CA LYS A 35 -6.01 16.95 0.05
C LYS A 35 -5.36 18.27 -0.34
N LEU A 36 -5.44 19.25 0.56
CA LEU A 36 -4.90 20.58 0.33
C LEU A 36 -3.81 20.89 1.34
N LEU A 37 -2.63 21.24 0.85
CA LEU A 37 -1.52 21.69 1.70
C LEU A 37 -1.58 23.21 1.77
N LEU A 38 -1.93 23.73 2.95
CA LEU A 38 -2.10 25.16 3.15
C LEU A 38 -0.77 25.76 3.62
N LEU A 39 -0.21 26.64 2.81
CA LEU A 39 1.08 27.25 3.08
C LEU A 39 0.94 28.76 3.08
N GLY A 40 2.03 29.44 3.42
CA GLY A 40 2.07 30.89 3.49
C GLY A 40 2.90 31.35 4.66
N ALA A 41 3.11 32.66 4.73
CA ALA A 41 3.90 33.26 5.79
C ALA A 41 3.00 33.65 6.96
N GLY A 42 3.61 34.19 8.02
CA GLY A 42 2.84 34.63 9.16
C GLY A 42 2.09 35.92 8.87
N GLU A 43 0.91 36.06 9.47
CA GLU A 43 0.04 37.22 9.30
C GLU A 43 -0.28 37.47 7.83
N SER A 44 -0.42 36.38 7.08
CA SER A 44 -0.75 36.44 5.66
C SER A 44 -2.20 36.11 5.37
N GLY A 45 -3.06 36.07 6.39
CA GLY A 45 -4.43 35.66 6.20
C GLY A 45 -4.63 34.17 6.10
N LYS A 46 -3.59 33.38 6.35
CA LYS A 46 -3.72 31.92 6.27
C LYS A 46 -4.72 31.39 7.28
N ASN A 47 -4.68 31.92 8.52
CA ASN A 47 -5.61 31.48 9.54
C ASN A 47 -7.04 31.94 9.24
N THR A 48 -7.19 33.07 8.55
CA THR A 48 -8.53 33.52 8.17
C THR A 48 -9.16 32.59 7.14
N ILE A 49 -8.35 31.94 6.31
CA ILE A 49 -8.87 30.97 5.35
C ILE A 49 -9.49 29.78 6.06
N VAL A 50 -8.84 29.29 7.12
CA VAL A 50 -9.38 28.16 7.88
C VAL A 50 -10.69 28.54 8.55
N LYS A 51 -10.76 29.77 9.07
CA LYS A 51 -11.98 30.22 9.74
C LYS A 51 -13.19 30.26 8.80
N GLN A 52 -12.97 30.45 7.50
CA GLN A 52 -14.04 30.44 6.53
C GLN A 52 -14.37 29.05 6.02
N MET A 53 -13.57 28.05 6.36
CA MET A 53 -13.78 26.69 5.88
C MET A 53 -13.91 25.72 7.05
N LYS A 54 -14.66 26.11 8.07
CA LYS A 54 -14.84 25.27 9.25
C LYS A 54 -15.69 24.05 8.93
N THR A 182 -1.20 20.43 18.23
CA THR A 182 -0.15 19.45 17.96
C THR A 182 0.88 20.02 17.00
N GLY A 183 1.28 19.21 16.02
CA GLY A 183 2.26 19.65 15.03
C GLY A 183 1.62 20.03 13.71
N ILE A 184 0.66 19.24 13.26
CA ILE A 184 -0.06 19.50 12.02
C ILE A 184 -1.54 19.59 12.34
N VAL A 185 -2.21 20.57 11.75
CA VAL A 185 -3.64 20.80 11.95
C VAL A 185 -4.37 20.39 10.69
N GLU A 186 -5.30 19.45 10.82
CA GLU A 186 -6.07 18.94 9.69
C GLU A 186 -7.52 19.38 9.81
N THR A 187 -8.04 19.97 8.75
CA THR A 187 -9.40 20.48 8.71
C THR A 187 -10.18 19.77 7.61
N HIS A 188 -11.36 19.27 7.95
CA HIS A 188 -12.23 18.58 7.01
C HIS A 188 -13.51 19.38 6.81
N PHE A 189 -13.88 19.58 5.55
CA PHE A 189 -15.16 20.22 5.23
C PHE A 189 -15.64 19.68 3.90
N THR A 190 -16.97 19.66 3.74
CA THR A 190 -17.61 19.15 2.54
C THR A 190 -18.31 20.29 1.83
N PHE A 191 -18.10 20.39 0.52
CA PHE A 191 -18.68 21.46 -0.29
C PHE A 191 -19.10 20.87 -1.62
N LYS A 192 -20.42 20.83 -1.86
CA LYS A 192 -21.00 20.35 -3.11
C LYS A 192 -20.55 18.93 -3.44
N ASP A 193 -20.89 18.01 -2.53
CA ASP A 193 -20.65 16.58 -2.71
C ASP A 193 -19.16 16.28 -2.92
N LEU A 194 -18.31 17.09 -2.31
CA LEU A 194 -16.87 16.90 -2.37
C LEU A 194 -16.29 17.17 -1.00
N HIS A 195 -15.39 16.29 -0.55
CA HIS A 195 -14.79 16.38 0.78
C HIS A 195 -13.35 16.86 0.66
N PHE A 196 -13.01 17.88 1.42
CA PHE A 196 -11.68 18.48 1.38
C PHE A 196 -10.92 18.19 2.67
N LYS A 197 -9.64 17.92 2.53
CA LYS A 197 -8.73 17.74 3.67
C LYS A 197 -7.66 18.81 3.59
N MET A 198 -7.74 19.81 4.47
CA MET A 198 -6.79 20.91 4.49
C MET A 198 -5.79 20.71 5.61
N PHE A 199 -4.50 20.71 5.26
CA PHE A 199 -3.43 20.44 6.21
C PHE A 199 -2.64 21.73 6.44
N ASP A 200 -2.53 22.13 7.70
CA ASP A 200 -1.76 23.30 8.10
C ASP A 200 -0.49 22.85 8.78
N VAL A 201 0.65 23.29 8.25
CA VAL A 201 1.96 22.89 8.79
C VAL A 201 2.70 24.12 9.29
N GLY A 202 1.95 25.16 9.67
CA GLY A 202 2.58 26.37 10.17
C GLY A 202 3.33 26.18 11.46
N ALA A 203 2.81 25.35 12.36
CA ALA A 203 3.44 25.11 13.65
C ALA A 203 4.70 24.25 13.56
N GLN A 204 4.90 23.55 12.45
CA GLN A 204 6.10 22.73 12.27
C GLN A 204 7.29 23.63 12.01
N ARG A 205 8.06 23.92 13.06
CA ARG A 205 9.22 24.79 12.97
C ARG A 205 10.49 24.03 12.60
N SER A 206 10.40 22.74 12.34
CA SER A 206 11.56 21.93 11.99
C SER A 206 11.98 22.21 10.55
N GLU A 207 12.98 21.47 10.09
CA GLU A 207 13.45 21.62 8.72
C GLU A 207 12.39 21.09 7.75
N ARG A 208 11.97 21.95 6.82
CA ARG A 208 10.87 21.60 5.93
C ARG A 208 11.23 20.43 5.02
N LYS A 209 12.48 20.39 4.56
CA LYS A 209 12.90 19.36 3.61
C LYS A 209 12.84 17.95 4.20
N LYS A 210 12.76 17.82 5.52
CA LYS A 210 12.70 16.49 6.14
C LYS A 210 11.29 15.91 6.15
N TRP A 211 10.27 16.73 5.91
CA TRP A 211 8.90 16.26 5.89
C TRP A 211 8.06 16.83 4.76
N ILE A 212 8.62 17.68 3.90
CA ILE A 212 7.84 18.24 2.81
C ILE A 212 7.47 17.17 1.79
N HIS A 213 8.27 16.11 1.70
CA HIS A 213 7.97 15.02 0.77
C HIS A 213 6.78 14.18 1.22
N CYS A 214 6.34 14.32 2.47
CA CYS A 214 5.15 13.60 2.93
C CYS A 214 3.89 14.09 2.24
N PHE A 215 3.91 15.27 1.65
CA PHE A 215 2.76 15.84 0.96
C PHE A 215 2.85 15.71 -0.55
N GLU A 216 3.79 14.91 -1.05
CA GLU A 216 3.81 14.60 -2.47
C GLU A 216 2.60 13.74 -2.81
N GLY A 217 1.73 14.24 -3.65
CA GLY A 217 0.46 13.59 -3.96
C GLY A 217 -0.77 14.35 -3.52
N VAL A 218 -0.63 15.50 -2.87
CA VAL A 218 -1.79 16.32 -2.54
C VAL A 218 -2.45 16.81 -3.81
N THR A 219 -3.75 17.07 -3.74
CA THR A 219 -4.48 17.54 -4.92
C THR A 219 -3.93 18.89 -5.39
N ALA A 220 -3.71 19.81 -4.46
CA ALA A 220 -3.18 21.12 -4.80
C ALA A 220 -2.56 21.74 -3.54
N ILE A 221 -1.98 22.91 -3.72
CA ILE A 221 -1.40 23.69 -2.64
C ILE A 221 -2.12 25.04 -2.59
N ILE A 222 -2.57 25.43 -1.41
CA ILE A 222 -3.13 26.75 -1.19
C ILE A 222 -2.07 27.60 -0.52
N PHE A 223 -1.63 28.65 -1.22
CA PHE A 223 -0.61 29.55 -0.72
C PHE A 223 -1.24 30.91 -0.46
N CYS A 224 -1.08 31.42 0.76
CA CYS A 224 -1.69 32.67 1.17
C CYS A 224 -0.63 33.77 1.18
N VAL A 225 -0.95 34.89 0.54
CA VAL A 225 -0.06 36.04 0.46
C VAL A 225 -0.83 37.28 0.90
N ALA A 226 -0.27 38.05 1.81
CA ALA A 226 -0.88 39.29 2.26
C ALA A 226 -0.47 40.43 1.32
N LEU A 227 -1.44 40.99 0.60
CA LEU A 227 -1.13 42.07 -0.32
C LEU A 227 -0.61 43.31 0.41
N SER A 228 -1.20 43.61 1.57
CA SER A 228 -0.82 44.82 2.31
C SER A 228 0.59 44.73 2.88
N ASP A 229 1.17 43.53 2.94
CA ASP A 229 2.52 43.36 3.50
C ASP A 229 3.58 43.53 2.42
N TYR A 230 3.53 44.64 1.70
CA TYR A 230 4.53 44.97 0.68
C TYR A 230 5.49 46.07 1.12
N ASP A 231 5.01 47.04 1.89
CA ASP A 231 5.87 48.07 2.45
C ASP A 231 6.36 47.74 3.85
N LEU A 232 5.98 46.59 4.39
CA LEU A 232 6.41 46.17 5.71
C LEU A 232 7.69 45.34 5.62
N VAL A 233 8.29 45.09 6.78
CA VAL A 233 9.52 44.30 6.87
C VAL A 233 9.34 43.24 7.95
N LEU A 234 10.18 42.22 7.88
CA LEU A 234 10.12 41.14 8.85
C LEU A 234 10.47 41.64 10.25
N ALA A 235 9.75 41.12 11.24
CA ALA A 235 10.00 41.55 12.62
C ALA A 235 11.38 41.15 13.09
N GLU A 236 11.83 39.95 12.73
CA GLU A 236 13.14 39.48 13.19
C GLU A 236 14.27 40.04 12.33
N ASP A 237 14.17 39.88 11.01
CA ASP A 237 15.24 40.36 10.13
C ASP A 237 15.37 41.88 10.17
N GLU A 238 14.24 42.58 10.19
CA GLU A 238 14.17 44.04 10.22
C GLU A 238 14.76 44.69 8.98
N GLU A 239 15.17 43.90 7.99
CA GLU A 239 15.71 44.43 6.75
C GLU A 239 15.16 43.75 5.50
N MET A 240 14.49 42.61 5.64
CA MET A 240 13.92 41.89 4.51
C MET A 240 12.44 42.24 4.38
N ASN A 241 12.03 42.60 3.16
CA ASN A 241 10.64 42.96 2.93
C ASN A 241 9.74 41.74 3.08
N ARG A 242 8.57 41.95 3.68
CA ARG A 242 7.64 40.85 3.90
C ARG A 242 7.13 40.26 2.59
N MET A 243 6.87 41.12 1.59
CA MET A 243 6.41 40.62 0.30
C MET A 243 7.47 39.77 -0.37
N HIS A 244 8.73 40.18 -0.30
CA HIS A 244 9.81 39.37 -0.86
C HIS A 244 9.97 38.05 -0.11
N ALA A 245 9.67 38.06 1.19
CA ALA A 245 9.71 36.82 1.97
C ALA A 245 8.67 35.83 1.45
N SER A 246 7.47 36.33 1.14
CA SER A 246 6.44 35.47 0.55
C SER A 246 6.87 34.97 -0.82
N MET A 247 7.45 35.84 -1.65
CA MET A 247 7.90 35.42 -2.97
C MET A 247 9.02 34.39 -2.87
N LYS A 248 9.93 34.56 -1.92
CA LYS A 248 11.00 33.59 -1.74
C LYS A 248 10.45 32.24 -1.31
N LEU A 249 9.45 32.24 -0.43
CA LEU A 249 8.83 30.99 0.01
C LEU A 249 7.97 30.40 -1.11
N PHE A 250 7.29 31.25 -1.88
CA PHE A 250 6.43 30.75 -2.95
C PHE A 250 7.25 30.02 -4.01
N ASP A 251 8.40 30.57 -4.38
CA ASP A 251 9.20 29.96 -5.43
C ASP A 251 9.94 28.72 -4.95
N SER A 252 10.28 28.64 -3.66
CA SER A 252 10.90 27.42 -3.15
C SER A 252 9.89 26.29 -2.99
N ILE A 253 8.60 26.60 -2.96
CA ILE A 253 7.56 25.58 -2.91
C ILE A 253 7.09 25.20 -4.30
N CYS A 254 6.83 26.20 -5.15
CA CYS A 254 6.36 25.94 -6.51
C CYS A 254 7.40 25.16 -7.31
N ASN A 255 8.68 25.52 -7.16
CA ASN A 255 9.75 24.89 -7.91
C ASN A 255 10.38 23.73 -7.16
N ASN A 256 9.80 23.33 -6.03
CA ASN A 256 10.30 22.17 -5.28
C ASN A 256 10.14 20.89 -6.11
N LYS A 257 11.05 19.95 -5.89
CA LYS A 257 11.06 18.73 -6.69
C LYS A 257 9.87 17.83 -6.36
N TRP A 258 9.32 17.94 -5.15
CA TRP A 258 8.20 17.08 -4.77
C TRP A 258 6.88 17.60 -5.30
N PHE A 259 6.83 18.83 -5.80
CA PHE A 259 5.62 19.45 -6.31
C PHE A 259 5.79 19.88 -7.76
N THR A 260 6.38 19.00 -8.57
CA THR A 260 6.68 19.35 -9.96
C THR A 260 5.42 19.60 -10.76
N ASP A 261 4.39 18.77 -10.57
CA ASP A 261 3.15 18.89 -11.31
C ASP A 261 1.95 19.15 -10.39
N THR A 262 2.20 19.78 -9.24
CA THR A 262 1.15 20.10 -8.28
C THR A 262 0.68 21.53 -8.51
N SER A 263 -0.61 21.69 -8.79
CA SER A 263 -1.16 23.02 -9.00
C SER A 263 -1.19 23.79 -7.69
N ILE A 264 -1.16 25.12 -7.82
CA ILE A 264 -1.14 26.02 -6.66
C ILE A 264 -2.34 26.94 -6.73
N ILE A 265 -3.13 26.96 -5.65
CA ILE A 265 -4.22 27.90 -5.50
C ILE A 265 -3.66 29.09 -4.73
N LEU A 266 -3.38 30.18 -5.44
CA LEU A 266 -2.71 31.33 -4.86
C LEU A 266 -3.76 32.32 -4.35
N PHE A 267 -3.77 32.54 -3.04
CA PHE A 267 -4.67 33.49 -2.41
C PHE A 267 -3.92 34.77 -2.08
N LEU A 268 -4.44 35.89 -2.56
CA LEU A 268 -3.89 37.22 -2.27
C LEU A 268 -4.88 37.91 -1.33
N ASN A 269 -4.57 37.86 -0.05
CA ASN A 269 -5.50 38.31 0.98
C ASN A 269 -5.33 39.80 1.27
N LYS A 270 -6.16 40.31 2.19
CA LYS A 270 -6.11 41.71 2.61
C LYS A 270 -6.24 42.66 1.44
N LYS A 271 -7.19 42.37 0.55
CA LYS A 271 -7.44 43.22 -0.62
C LYS A 271 -7.88 44.61 -0.21
N ASP A 272 -8.79 44.71 0.77
CA ASP A 272 -9.31 46.01 1.17
C ASP A 272 -8.23 46.87 1.84
N LEU A 273 -7.38 46.25 2.66
CA LEU A 273 -6.30 46.99 3.30
C LEU A 273 -5.26 47.45 2.28
N PHE A 274 -5.02 46.65 1.24
CA PHE A 274 -4.07 47.03 0.21
C PHE A 274 -4.53 48.28 -0.54
N GLU A 275 -5.84 48.39 -0.80
CA GLU A 275 -6.36 49.56 -1.50
C GLU A 275 -6.20 50.83 -0.67
N GLU A 276 -6.33 50.71 0.65
CA GLU A 276 -6.14 51.86 1.52
C GLU A 276 -4.67 52.27 1.59
N LYS A 277 -3.77 51.28 1.67
CA LYS A 277 -2.35 51.59 1.82
C LYS A 277 -1.71 52.07 0.51
N ILE A 278 -2.25 51.68 -0.64
CA ILE A 278 -1.62 52.03 -1.90
C ILE A 278 -1.67 53.53 -2.13
N LYS A 279 -2.68 54.20 -1.55
CA LYS A 279 -2.78 55.66 -1.70
C LYS A 279 -1.60 56.36 -1.02
N LYS A 280 -1.20 55.89 0.16
CA LYS A 280 -0.13 56.55 0.90
C LYS A 280 1.24 56.00 0.50
N SER A 281 1.42 54.69 0.57
CA SER A 281 2.71 54.06 0.29
C SER A 281 2.71 53.51 -1.13
N PRO A 282 3.53 54.03 -2.03
CA PRO A 282 3.56 53.51 -3.39
C PRO A 282 4.18 52.11 -3.45
N LEU A 283 3.80 51.36 -4.48
CA LEU A 283 4.35 50.03 -4.67
C LEU A 283 5.83 50.05 -5.02
N THR A 284 6.36 51.21 -5.43
CA THR A 284 7.78 51.31 -5.77
C THR A 284 8.68 51.00 -4.58
N ILE A 285 8.16 51.11 -3.35
CA ILE A 285 8.95 50.72 -2.18
C ILE A 285 9.26 49.23 -2.23
N CYS A 286 8.29 48.40 -2.59
CA CYS A 286 8.52 46.97 -2.70
C CYS A 286 9.12 46.61 -4.05
N TYR A 287 8.58 47.16 -5.13
CA TYR A 287 9.05 46.86 -6.49
C TYR A 287 9.61 48.13 -7.12
N PRO A 288 10.93 48.36 -7.06
CA PRO A 288 11.49 49.56 -7.71
C PRO A 288 11.28 49.59 -9.21
N GLU A 289 11.23 48.43 -9.86
CA GLU A 289 11.04 48.38 -11.30
C GLU A 289 9.61 48.67 -11.72
N TYR A 290 8.68 48.76 -10.78
CA TYR A 290 7.29 49.04 -11.12
C TYR A 290 7.16 50.47 -11.64
N ALA A 291 6.52 50.62 -12.80
CA ALA A 291 6.36 51.90 -13.45
C ALA A 291 4.91 52.06 -13.92
N GLY A 292 3.97 51.73 -13.05
CA GLY A 292 2.56 51.82 -13.37
C GLY A 292 1.86 52.83 -12.47
N SER A 293 0.56 52.98 -12.71
CA SER A 293 -0.24 53.91 -11.94
C SER A 293 -0.36 53.47 -10.49
N ASN A 294 -0.47 54.45 -9.59
CA ASN A 294 -0.60 54.18 -8.17
C ASN A 294 -2.06 53.91 -7.79
N THR A 295 -2.63 52.90 -8.47
CA THR A 295 -4.00 52.49 -8.26
C THR A 295 -4.06 51.00 -7.98
N TYR A 296 -5.12 50.59 -7.29
CA TYR A 296 -5.27 49.18 -6.93
C TYR A 296 -5.40 48.30 -8.17
N GLU A 297 -6.15 48.76 -9.17
CA GLU A 297 -6.41 47.94 -10.35
C GLU A 297 -5.13 47.59 -11.12
N GLU A 298 -4.10 48.41 -11.02
CA GLU A 298 -2.83 48.14 -11.68
C GLU A 298 -1.75 47.60 -10.75
N ALA A 299 -1.72 48.06 -9.50
CA ALA A 299 -0.73 47.54 -8.55
C ALA A 299 -1.00 46.09 -8.19
N ALA A 300 -2.28 45.74 -7.98
CA ALA A 300 -2.62 44.36 -7.64
C ALA A 300 -2.30 43.42 -8.80
N ALA A 301 -2.55 43.84 -10.03
CA ALA A 301 -2.22 43.03 -11.18
C ALA A 301 -0.71 42.81 -11.31
N TYR A 302 0.09 43.83 -11.00
CA TYR A 302 1.53 43.67 -11.05
C TYR A 302 2.02 42.66 -10.03
N ILE A 303 1.47 42.69 -8.82
CA ILE A 303 1.87 41.73 -7.80
C ILE A 303 1.42 40.32 -8.18
N GLN A 304 0.24 40.21 -8.80
CA GLN A 304 -0.25 38.90 -9.24
C GLN A 304 0.67 38.28 -10.27
N CYS A 305 1.18 39.09 -11.20
CA CYS A 305 2.10 38.59 -12.22
C CYS A 305 3.47 38.27 -11.66
N GLN A 306 3.91 38.97 -10.60
CA GLN A 306 5.22 38.70 -10.02
C GLN A 306 5.27 37.29 -9.42
N PHE A 307 4.22 36.86 -8.74
CA PHE A 307 4.19 35.51 -8.19
C PHE A 307 4.07 34.47 -9.28
N GLU A 308 3.23 34.72 -10.30
CA GLU A 308 3.08 33.77 -11.39
C GLU A 308 4.34 33.68 -12.23
N ASP A 309 5.12 34.76 -12.32
CA ASP A 309 6.38 34.72 -13.06
C ASP A 309 7.43 33.86 -12.37
N LEU A 310 7.24 33.55 -11.10
CA LEU A 310 8.17 32.68 -10.38
C LEU A 310 7.98 31.21 -10.72
N ASN A 311 6.91 30.85 -11.44
CA ASN A 311 6.68 29.48 -11.84
C ASN A 311 7.77 29.03 -12.80
N LYS A 312 8.67 28.17 -12.33
CA LYS A 312 9.78 27.70 -13.14
C LYS A 312 9.38 26.58 -14.09
N ARG A 313 8.16 26.04 -13.96
CA ARG A 313 7.66 24.99 -14.83
C ARG A 313 6.24 25.36 -15.23
N LYS A 314 6.11 26.13 -16.31
CA LYS A 314 4.82 26.64 -16.76
C LYS A 314 4.10 25.66 -17.69
N ASP A 315 4.50 24.39 -17.70
CA ASP A 315 3.86 23.38 -18.52
C ASP A 315 3.22 22.26 -17.70
N THR A 316 3.85 21.83 -16.62
CA THR A 316 3.34 20.73 -15.81
C THR A 316 2.38 21.17 -14.71
N LYS A 317 2.22 22.47 -14.49
CA LYS A 317 1.34 22.94 -13.42
C LYS A 317 0.78 24.30 -13.78
N GLU A 318 -0.33 24.64 -13.15
CA GLU A 318 -0.98 25.94 -13.32
C GLU A 318 -1.20 26.58 -11.96
N ILE A 319 -1.20 27.91 -11.94
CA ILE A 319 -1.42 28.68 -10.72
C ILE A 319 -2.77 29.36 -10.82
N TYR A 320 -3.66 29.07 -9.88
CA TYR A 320 -4.97 29.70 -9.81
C TYR A 320 -4.91 30.83 -8.78
N THR A 321 -5.06 32.07 -9.24
CA THR A 321 -4.89 33.24 -8.40
C THR A 321 -6.24 33.85 -8.08
N HIS A 322 -6.50 34.05 -6.79
CA HIS A 322 -7.76 34.61 -6.31
C HIS A 322 -7.47 35.73 -5.33
N PHE A 323 -8.21 36.82 -5.46
CA PHE A 323 -8.12 37.97 -4.56
C PHE A 323 -9.18 37.81 -3.48
N THR A 324 -8.76 37.41 -2.28
CA THR A 324 -9.66 37.24 -1.15
C THR A 324 -9.65 38.50 -0.30
N CYS A 325 -10.39 38.43 0.81
CA CYS A 325 -10.48 39.55 1.75
C CYS A 325 -10.92 38.99 3.10
N SER A 326 -11.14 39.90 4.05
CA SER A 326 -11.59 39.50 5.38
C SER A 326 -13.08 39.26 5.46
N THR A 327 -13.84 39.70 4.46
CA THR A 327 -15.30 39.51 4.46
C THR A 327 -15.78 38.76 3.23
N ASP A 328 -14.88 38.23 2.41
CA ASP A 328 -15.27 37.54 1.19
C ASP A 328 -15.90 36.19 1.51
N THR A 329 -16.86 35.80 0.68
CA THR A 329 -17.57 34.53 0.84
C THR A 329 -17.43 33.62 -0.37
N LYS A 330 -16.59 33.98 -1.33
CA LYS A 330 -16.36 33.19 -2.53
C LYS A 330 -15.03 32.45 -2.51
N ASN A 331 -14.35 32.40 -1.36
CA ASN A 331 -13.07 31.70 -1.28
C ASN A 331 -13.25 30.19 -1.39
N VAL A 332 -14.25 29.64 -0.70
CA VAL A 332 -14.50 28.21 -0.79
C VAL A 332 -15.02 27.83 -2.17
N GLN A 333 -15.83 28.70 -2.78
CA GLN A 333 -16.30 28.45 -4.14
C GLN A 333 -15.14 28.43 -5.13
N PHE A 334 -14.16 29.32 -4.94
CA PHE A 334 -12.99 29.34 -5.82
C PHE A 334 -12.20 28.04 -5.71
N VAL A 335 -12.01 27.55 -4.48
CA VAL A 335 -11.25 26.33 -4.29
C VAL A 335 -11.94 25.15 -4.97
N PHE A 336 -13.28 25.11 -4.88
CA PHE A 336 -14.03 24.05 -5.56
C PHE A 336 -13.82 24.11 -7.07
N ASP A 337 -13.84 25.32 -7.64
CA ASP A 337 -13.60 25.47 -9.08
C ASP A 337 -12.18 25.07 -9.45
N ALA A 338 -11.20 25.50 -8.65
CA ALA A 338 -9.80 25.19 -8.96
C ALA A 338 -9.50 23.71 -8.79
N VAL A 339 -10.07 23.08 -7.75
CA VAL A 339 -9.84 21.65 -7.53
C VAL A 339 -10.51 20.84 -8.63
N THR A 340 -11.69 21.26 -9.07
CA THR A 340 -12.37 20.57 -10.16
C THR A 340 -11.50 20.55 -11.42
N ASP A 341 -10.80 21.64 -11.71
CA ASP A 341 -9.89 21.66 -12.85
C ASP A 341 -8.73 20.69 -12.64
N VAL A 342 -8.24 20.58 -11.40
CA VAL A 342 -7.17 19.62 -11.11
C VAL A 342 -7.68 18.21 -11.27
N ILE A 343 -8.91 17.94 -10.83
CA ILE A 343 -9.49 16.61 -10.97
C ILE A 343 -9.63 16.24 -12.44
N ILE A 344 -10.12 17.17 -13.27
CA ILE A 344 -10.24 16.92 -14.70
C ILE A 344 -8.88 16.65 -15.31
N LYS A 345 -7.87 17.46 -14.96
CA LYS A 345 -6.54 17.29 -15.51
C LYS A 345 -5.96 15.92 -15.17
N ASN A 346 -6.15 15.46 -13.94
CA ASN A 346 -5.65 14.14 -13.56
C ASN A 346 -6.43 13.02 -14.24
N ASN A 347 -7.74 13.22 -14.46
CA ASN A 347 -8.51 12.23 -15.20
C ASN A 347 -8.03 12.13 -16.64
N LEU A 348 -7.71 13.27 -17.27
CA LEU A 348 -7.21 13.23 -18.64
C LEU A 348 -5.88 12.49 -18.74
N LYS A 349 -5.01 12.67 -17.75
CA LYS A 349 -3.73 11.96 -17.75
C LYS A 349 -3.93 10.46 -17.61
N ASP A 350 -4.75 10.04 -16.65
CA ASP A 350 -4.98 8.62 -16.43
C ASP A 350 -5.66 7.97 -17.62
N CYS A 351 -6.64 8.65 -18.21
CA CYS A 351 -7.36 8.10 -19.35
C CYS A 351 -6.53 8.08 -20.63
N GLY A 352 -5.39 8.76 -20.65
CA GLY A 352 -4.53 8.76 -21.81
C GLY A 352 -4.81 9.85 -22.82
N LEU A 353 -5.83 10.66 -22.61
CA LEU A 353 -6.08 11.79 -23.52
C LEU A 353 -4.95 12.80 -23.46
N PHE A 354 -4.45 13.09 -22.26
CA PHE A 354 -3.39 14.07 -22.09
C PHE A 354 -2.02 13.41 -22.27
N SER B 12 33.64 40.02 26.10
CA SER B 12 34.82 39.64 26.87
C SER B 12 34.69 38.23 27.42
N GLU B 13 33.78 38.05 28.37
CA GLU B 13 33.56 36.72 28.95
C GLU B 13 33.03 35.75 27.91
N LEU B 14 32.09 36.20 27.08
CA LEU B 14 31.57 35.34 26.03
C LEU B 14 32.64 35.00 25.00
N ASP B 15 33.48 35.97 24.65
CA ASP B 15 34.57 35.72 23.71
C ASP B 15 35.57 34.73 24.27
N GLN B 16 35.86 34.83 25.57
CA GLN B 16 36.80 33.91 26.19
C GLN B 16 36.27 32.48 26.18
N LEU B 17 34.97 32.30 26.44
CA LEU B 17 34.40 30.96 26.51
C LEU B 17 34.43 30.26 25.14
N ARG B 18 34.08 30.99 24.07
CA ARG B 18 34.06 30.36 22.75
C ARG B 18 35.45 29.98 22.28
N GLN B 19 36.49 30.66 22.75
CA GLN B 19 37.85 30.23 22.46
C GLN B 19 38.20 28.95 23.20
N GLU B 20 37.68 28.79 24.42
CA GLU B 20 37.92 27.56 25.17
C GLU B 20 37.26 26.37 24.52
N ALA B 21 36.09 26.56 23.91
CA ALA B 21 35.43 25.47 23.20
C ALA B 21 36.27 25.00 22.02
N GLU B 22 36.88 25.93 21.29
CA GLU B 22 37.76 25.55 20.18
C GLU B 22 38.98 24.78 20.67
N GLN B 23 39.55 25.21 21.80
CA GLN B 23 40.69 24.49 22.35
C GLN B 23 40.30 23.07 22.76
N LEU B 24 39.14 22.91 23.38
CA LEU B 24 38.68 21.59 23.77
C LEU B 24 38.42 20.70 22.54
N LYS B 25 37.86 21.28 21.48
CA LYS B 25 37.67 20.52 20.25
C LYS B 25 38.99 20.09 19.65
N ASN B 26 40.00 20.98 19.70
CA ASN B 26 41.33 20.60 19.23
C ASN B 26 41.93 19.51 20.12
N GLN B 27 41.69 19.58 21.42
CA GLN B 27 42.17 18.53 22.32
C GLN B 27 41.53 17.19 22.00
N ILE B 28 40.22 17.18 21.71
CA ILE B 28 39.54 15.94 21.34
C ILE B 28 40.09 15.41 20.02
N ARG B 29 40.29 16.28 19.04
CA ARG B 29 40.77 15.85 17.74
C ARG B 29 42.17 15.25 17.84
N ASP B 30 43.05 15.87 18.62
CA ASP B 30 44.40 15.34 18.80
C ASP B 30 44.36 14.01 19.54
N ALA B 31 43.48 13.89 20.55
CA ALA B 31 43.36 12.64 21.28
C ALA B 31 42.87 11.51 20.39
N ARG B 32 41.91 11.81 19.50
CA ARG B 32 41.44 10.79 18.56
C ARG B 32 42.54 10.42 17.57
N LYS B 33 43.32 11.41 17.10
CA LYS B 33 44.40 11.11 16.18
C LYS B 33 45.52 10.32 16.85
N ALA B 34 45.70 10.51 18.16
CA ALA B 34 46.74 9.77 18.87
C ALA B 34 46.47 8.27 18.85
N CYS B 35 45.22 7.87 19.03
CA CYS B 35 44.86 6.45 19.09
C CYS B 35 44.56 5.86 17.71
N ALA B 36 44.64 6.65 16.64
CA ALA B 36 44.41 6.16 15.29
C ALA B 36 45.72 5.66 14.68
N ASP B 37 46.29 4.64 15.33
CA ASP B 37 47.55 4.07 14.86
C ASP B 37 47.39 3.37 13.51
N ALA B 38 46.30 2.63 13.34
CA ALA B 38 46.05 1.88 12.12
C ALA B 38 44.63 2.17 11.64
N THR B 39 44.27 1.53 10.53
CA THR B 39 42.97 1.71 9.90
C THR B 39 42.24 0.37 9.84
N LEU B 40 40.91 0.43 9.94
CA LEU B 40 40.10 -0.78 9.83
C LEU B 40 40.34 -1.50 8.51
N SER B 41 40.54 -0.74 7.43
CA SER B 41 40.82 -1.35 6.13
C SER B 41 42.13 -2.12 6.16
N GLN B 42 43.15 -1.58 6.81
CA GLN B 42 44.42 -2.29 6.92
C GLN B 42 44.29 -3.55 7.75
N ILE B 43 43.53 -3.49 8.85
CA ILE B 43 43.37 -4.66 9.71
C ILE B 43 42.62 -5.77 8.98
N THR B 44 41.56 -5.41 8.25
CA THR B 44 40.72 -6.38 7.55
C THR B 44 41.18 -6.59 6.10
N ASN B 45 42.36 -6.12 5.75
CA ASN B 45 42.87 -6.32 4.40
C ASN B 45 43.20 -7.78 4.14
N ASN B 46 43.60 -8.51 5.19
CA ASN B 46 44.02 -9.90 5.01
C ASN B 46 42.85 -10.84 4.84
N ILE B 47 41.71 -10.56 5.48
CA ILE B 47 40.60 -11.50 5.49
C ILE B 47 40.00 -11.64 4.09
N ASP B 48 39.38 -12.79 3.85
CA ASP B 48 38.78 -13.06 2.55
C ASP B 48 37.48 -12.27 2.39
N PRO B 49 37.18 -11.83 1.17
CA PRO B 49 35.91 -11.14 0.94
C PRO B 49 34.73 -12.09 1.06
N VAL B 50 33.56 -11.50 1.32
CA VAL B 50 32.34 -12.29 1.43
C VAL B 50 31.81 -12.75 0.09
N GLY B 51 32.46 -12.37 -1.01
CA GLY B 51 31.98 -12.74 -2.32
C GLY B 51 30.74 -11.95 -2.70
N ARG B 52 30.03 -12.49 -3.69
CA ARG B 52 28.78 -11.89 -4.14
C ARG B 52 27.64 -12.38 -3.26
N ILE B 53 26.88 -11.45 -2.70
CA ILE B 53 25.72 -11.76 -1.88
C ILE B 53 24.49 -11.64 -2.76
N GLN B 54 23.82 -12.76 -3.00
CA GLN B 54 22.60 -12.79 -3.80
C GLN B 54 21.44 -13.14 -2.88
N MET B 55 20.41 -12.29 -2.90
CA MET B 55 19.18 -12.54 -2.15
C MET B 55 18.00 -12.49 -3.11
N ARG B 56 16.96 -13.23 -2.79
CA ARG B 56 15.75 -13.27 -3.59
C ARG B 56 14.56 -12.85 -2.76
N THR B 57 13.59 -12.20 -3.41
CA THR B 57 12.37 -11.76 -2.73
C THR B 57 11.53 -12.99 -2.43
N ARG B 58 11.57 -13.43 -1.17
CA ARG B 58 10.78 -14.58 -0.76
C ARG B 58 9.30 -14.23 -0.62
N ARG B 59 8.99 -13.08 -0.03
CA ARG B 59 7.63 -12.64 0.17
C ARG B 59 7.48 -11.20 -0.31
N THR B 60 6.27 -10.87 -0.75
CA THR B 60 5.90 -9.50 -1.08
C THR B 60 4.65 -9.16 -0.29
N LEU B 61 4.77 -8.17 0.61
CA LEU B 61 3.67 -7.79 1.49
C LEU B 61 2.89 -6.66 0.85
N ARG B 62 1.71 -6.97 0.34
CA ARG B 62 0.85 -6.00 -0.33
C ARG B 62 -0.35 -5.68 0.55
N GLY B 63 -0.87 -4.46 0.40
CA GLY B 63 -1.96 -4.00 1.22
C GLY B 63 -1.86 -2.54 1.61
N HIS B 64 -0.65 -2.00 1.63
CA HIS B 64 -0.49 -0.57 1.84
C HIS B 64 -0.78 0.17 0.53
N LEU B 65 -1.54 1.27 0.64
CA LEU B 65 -1.97 2.04 -0.53
C LEU B 65 -1.31 3.41 -0.58
N ALA B 66 -0.22 3.60 0.16
CA ALA B 66 0.54 4.85 0.13
C ALA B 66 1.99 4.53 0.43
N LYS B 67 2.81 5.56 0.56
CA LYS B 67 4.23 5.37 0.82
C LYS B 67 4.44 4.78 2.21
N ILE B 68 5.31 3.79 2.30
CA ILE B 68 5.69 3.18 3.57
C ILE B 68 6.92 3.90 4.09
N TYR B 69 6.82 4.42 5.32
CA TYR B 69 7.91 5.16 5.92
C TYR B 69 8.68 4.39 6.98
N ALA B 70 8.07 3.40 7.62
CA ALA B 70 8.75 2.68 8.68
C ALA B 70 8.30 1.23 8.70
N MET B 71 9.20 0.36 9.18
CA MET B 71 8.87 -1.01 9.50
C MET B 71 9.75 -1.46 10.64
N HIS B 72 9.28 -2.46 11.39
CA HIS B 72 10.06 -3.00 12.50
C HIS B 72 9.69 -4.46 12.70
N TRP B 73 10.71 -5.31 12.85
CA TRP B 73 10.47 -6.72 13.11
C TRP B 73 10.12 -6.96 14.57
N GLY B 74 9.33 -8.01 14.81
CA GLY B 74 9.16 -8.50 16.15
C GLY B 74 10.35 -9.32 16.61
N THR B 75 10.41 -9.59 17.91
CA THR B 75 11.51 -10.37 18.45
C THR B 75 11.42 -11.84 18.09
N ASP B 76 10.27 -12.33 17.62
CA ASP B 76 10.13 -13.71 17.20
C ASP B 76 10.60 -13.94 15.77
N SER B 77 11.02 -12.88 15.07
CA SER B 77 11.51 -12.94 13.69
C SER B 77 10.45 -13.43 12.71
N ARG B 78 9.19 -13.31 13.07
CA ARG B 78 8.09 -13.70 12.21
C ARG B 78 7.05 -12.59 12.03
N LEU B 79 6.77 -11.82 13.09
CA LEU B 79 5.83 -10.72 13.01
C LEU B 79 6.58 -9.41 12.78
N LEU B 80 6.01 -8.56 11.94
CA LEU B 80 6.55 -7.23 11.71
C LEU B 80 5.40 -6.25 11.55
N VAL B 81 5.68 -5.00 11.90
CA VAL B 81 4.72 -3.90 11.76
C VAL B 81 5.26 -2.92 10.74
N SER B 82 4.36 -2.39 9.90
CA SER B 82 4.73 -1.44 8.88
C SER B 82 3.86 -0.20 9.00
N ALA B 83 4.49 0.96 8.82
CA ALA B 83 3.81 2.25 8.91
C ALA B 83 3.75 2.88 7.52
N SER B 84 2.55 3.22 7.09
CA SER B 84 2.34 3.88 5.81
C SER B 84 1.45 5.09 6.01
N GLN B 85 1.60 6.07 5.12
CA GLN B 85 0.85 7.31 5.21
C GLN B 85 -0.54 7.22 4.59
N ASP B 86 -1.07 6.01 4.44
CA ASP B 86 -2.48 5.80 4.18
C ASP B 86 -3.30 5.77 5.46
N GLY B 87 -2.66 5.99 6.61
CA GLY B 87 -3.34 5.99 7.88
C GLY B 87 -3.52 4.63 8.50
N LYS B 88 -2.67 3.67 8.13
CA LYS B 88 -2.81 2.29 8.60
C LYS B 88 -1.50 1.81 9.19
N LEU B 89 -1.58 1.15 10.34
CA LEU B 89 -0.48 0.40 10.92
C LEU B 89 -0.82 -1.08 10.78
N ILE B 90 -0.04 -1.80 9.98
CA ILE B 90 -0.34 -3.18 9.64
C ILE B 90 0.71 -4.10 10.27
N ILE B 91 0.24 -5.15 10.92
CA ILE B 91 1.11 -6.19 11.47
C ILE B 91 1.01 -7.40 10.55
N TRP B 92 2.15 -7.86 10.05
CA TRP B 92 2.20 -8.92 9.05
C TRP B 92 2.74 -10.21 9.66
N ASP B 93 2.20 -11.33 9.21
CA ASP B 93 2.81 -12.64 9.41
C ASP B 93 3.70 -12.88 8.20
N SER B 94 5.01 -12.67 8.36
CA SER B 94 5.91 -12.72 7.21
C SER B 94 6.01 -14.12 6.62
N TYR B 95 5.74 -15.15 7.42
CA TYR B 95 5.82 -16.51 6.90
C TYR B 95 4.73 -16.79 5.88
N THR B 96 3.49 -16.41 6.18
CA THR B 96 2.35 -16.69 5.32
C THR B 96 1.79 -15.46 4.63
N THR B 97 2.42 -14.29 4.80
CA THR B 97 1.94 -13.00 4.31
C THR B 97 0.56 -12.63 4.85
N ASN B 98 0.08 -13.33 5.88
CA ASN B 98 -1.20 -13.00 6.46
C ASN B 98 -1.13 -11.67 7.23
N LYS B 99 -2.20 -10.90 7.12
CA LYS B 99 -2.32 -9.66 7.89
C LYS B 99 -2.95 -10.00 9.24
N VAL B 100 -2.17 -9.85 10.30
CA VAL B 100 -2.67 -10.15 11.64
C VAL B 100 -3.57 -9.03 12.13
N HIS B 101 -3.12 -7.78 12.01
CA HIS B 101 -3.88 -6.63 12.47
C HIS B 101 -3.78 -5.51 11.45
N ALA B 102 -4.78 -4.63 11.47
CA ALA B 102 -4.74 -3.39 10.70
C ALA B 102 -5.21 -2.28 11.63
N ILE B 103 -4.30 -1.38 12.00
CA ILE B 103 -4.56 -0.35 12.98
C ILE B 103 -4.80 0.96 12.25
N PRO B 104 -6.00 1.53 12.28
CA PRO B 104 -6.22 2.87 11.71
C PRO B 104 -5.62 3.93 12.62
N LEU B 105 -4.81 4.82 12.02
CA LEU B 105 -4.11 5.84 12.77
C LEU B 105 -4.93 7.13 12.77
N ARG B 106 -4.97 7.79 13.93
CA ARG B 106 -5.68 9.06 14.03
C ARG B 106 -5.03 10.14 13.17
N SER B 107 -3.71 10.15 13.10
CA SER B 107 -2.96 11.01 12.20
C SER B 107 -2.25 10.13 11.18
N SER B 108 -2.48 10.41 9.89
CA SER B 108 -1.93 9.59 8.83
C SER B 108 -0.50 9.94 8.46
N TRP B 109 0.06 11.00 9.05
CA TRP B 109 1.41 11.47 8.69
C TRP B 109 2.46 10.80 9.58
N VAL B 110 2.39 9.47 9.63
CA VAL B 110 3.25 8.68 10.49
C VAL B 110 4.62 8.56 9.83
N MET B 111 5.69 8.73 10.63
CA MET B 111 7.04 8.67 10.13
C MET B 111 7.89 7.58 10.77
N THR B 112 7.39 6.94 11.83
CA THR B 112 8.14 5.90 12.52
C THR B 112 7.17 4.92 13.17
N CYS B 113 7.61 3.68 13.32
CA CYS B 113 6.85 2.67 14.02
C CYS B 113 7.82 1.75 14.77
N ALA B 114 7.35 1.21 15.89
CA ALA B 114 8.18 0.34 16.72
C ALA B 114 7.37 -0.87 17.15
N TYR B 115 8.07 -1.96 17.42
CA TYR B 115 7.49 -3.19 17.94
C TYR B 115 8.09 -3.47 19.31
N ALA B 116 7.25 -3.67 20.30
CA ALA B 116 7.74 -3.95 21.64
C ALA B 116 8.45 -5.30 21.67
N PRO B 117 9.57 -5.41 22.39
CA PRO B 117 10.27 -6.71 22.46
C PRO B 117 9.41 -7.82 23.05
N SER B 118 8.44 -7.49 23.90
CA SER B 118 7.49 -8.48 24.36
C SER B 118 6.47 -8.86 23.29
N GLY B 119 6.21 -7.95 22.35
CA GLY B 119 5.23 -8.19 21.31
C GLY B 119 3.81 -7.81 21.67
N ASN B 120 3.60 -7.21 22.85
CA ASN B 120 2.27 -6.80 23.28
C ASN B 120 1.91 -5.39 22.84
N TYR B 121 2.86 -4.62 22.36
CA TYR B 121 2.61 -3.23 22.00
C TYR B 121 3.36 -2.88 20.71
N VAL B 122 2.78 -1.95 19.97
CA VAL B 122 3.46 -1.26 18.88
C VAL B 122 3.30 0.24 19.09
N ALA B 123 4.30 0.99 18.64
CA ALA B 123 4.27 2.43 18.71
C ALA B 123 4.35 3.01 17.30
N CYS B 124 3.83 4.21 17.15
CA CYS B 124 3.98 4.95 15.90
C CYS B 124 3.87 6.44 16.21
N GLY B 125 4.40 7.25 15.31
CA GLY B 125 4.34 8.69 15.47
C GLY B 125 4.88 9.43 14.26
N GLY B 126 4.35 10.61 14.01
CA GLY B 126 4.77 11.38 12.85
C GLY B 126 4.75 12.88 13.04
N LEU B 127 4.12 13.57 12.09
CA LEU B 127 4.01 15.03 12.10
C LEU B 127 3.10 15.56 13.19
N ASP B 128 2.36 14.69 13.87
CA ASP B 128 1.48 15.11 14.95
C ASP B 128 2.21 15.32 16.26
N ASN B 129 3.51 15.05 16.31
CA ASN B 129 4.36 15.23 17.49
C ASN B 129 3.95 14.31 18.64
N ILE B 130 3.25 13.22 18.34
CA ILE B 130 2.72 12.31 19.36
C ILE B 130 3.23 10.91 19.08
N CYS B 131 3.73 10.25 20.13
CA CYS B 131 4.08 8.84 20.08
C CYS B 131 2.93 8.05 20.70
N SER B 132 2.18 7.34 19.87
CA SER B 132 0.99 6.60 20.32
C SER B 132 1.36 5.14 20.57
N ILE B 133 0.97 4.65 21.73
CA ILE B 133 1.20 3.26 22.13
C ILE B 133 -0.08 2.48 21.92
N TYR B 134 0.00 1.39 21.16
CA TYR B 134 -1.15 0.56 20.82
C TYR B 134 -1.03 -0.79 21.50
N ASN B 135 -2.10 -1.21 22.17
CA ASN B 135 -2.12 -2.49 22.86
C ASN B 135 -2.62 -3.57 21.90
N LEU B 136 -1.81 -4.60 21.71
CA LEU B 136 -2.16 -5.69 20.80
C LEU B 136 -2.87 -6.84 21.50
N LYS B 137 -2.77 -6.94 22.83
CA LYS B 137 -3.29 -8.06 23.59
C LYS B 137 -4.40 -7.54 24.50
N THR B 138 -5.62 -7.52 23.98
CA THR B 138 -6.78 -7.01 24.72
C THR B 138 -7.84 -8.11 24.84
N ARG B 139 -8.66 -7.99 25.88
CA ARG B 139 -9.77 -8.93 26.04
C ARG B 139 -10.90 -8.65 25.06
N GLU B 140 -10.95 -7.47 24.47
CA GLU B 140 -11.97 -7.14 23.48
C GLU B 140 -11.63 -7.66 22.09
N GLY B 141 -10.40 -8.12 21.87
CA GLY B 141 -10.01 -8.67 20.59
C GLY B 141 -9.61 -7.67 19.55
N ASN B 142 -9.54 -6.39 19.88
CA ASN B 142 -9.17 -5.35 18.94
C ASN B 142 -7.98 -4.58 19.47
N VAL B 143 -7.25 -3.95 18.55
CA VAL B 143 -6.12 -3.11 18.94
C VAL B 143 -6.64 -1.73 19.31
N ARG B 144 -6.26 -1.26 20.49
CA ARG B 144 -6.68 0.04 20.98
C ARG B 144 -5.47 0.83 21.44
N VAL B 145 -5.60 2.16 21.42
CA VAL B 145 -4.52 3.02 21.89
C VAL B 145 -4.50 3.00 23.41
N SER B 146 -3.35 2.67 23.98
CA SER B 146 -3.18 2.68 25.42
C SER B 146 -2.65 4.00 25.95
N ARG B 147 -1.76 4.66 25.22
CA ARG B 147 -1.21 5.95 25.63
C ARG B 147 -0.93 6.81 24.41
N GLU B 148 -0.92 8.12 24.62
CA GLU B 148 -0.46 9.09 23.63
C GLU B 148 0.60 9.95 24.32
N LEU B 149 1.85 9.80 23.90
CA LEU B 149 2.97 10.48 24.55
C LEU B 149 3.14 11.85 23.92
N ALA B 150 2.75 12.89 24.66
CA ALA B 150 2.83 14.27 24.20
C ALA B 150 3.94 15.00 24.93
N GLY B 151 4.49 16.03 24.28
CA GLY B 151 5.56 16.81 24.87
C GLY B 151 6.63 17.24 23.87
N HIS B 152 6.79 16.47 22.79
CA HIS B 152 7.67 16.90 21.72
C HIS B 152 7.06 18.06 20.96
N THR B 153 7.87 19.06 20.65
CA THR B 153 7.43 20.22 19.88
C THR B 153 7.75 20.10 18.40
N GLY B 154 8.31 18.96 17.97
CA GLY B 154 8.55 18.69 16.58
C GLY B 154 8.05 17.31 16.21
N TYR B 155 8.11 17.00 14.91
CA TYR B 155 7.63 15.72 14.43
C TYR B 155 8.44 14.58 15.02
N LEU B 156 7.78 13.45 15.24
CA LEU B 156 8.44 12.26 15.75
C LEU B 156 9.08 11.51 14.60
N SER B 157 10.39 11.30 14.67
CA SER B 157 11.14 10.66 13.60
C SER B 157 11.54 9.22 13.91
N CYS B 158 11.70 8.86 15.17
CA CYS B 158 12.02 7.49 15.53
C CYS B 158 11.56 7.22 16.95
N CYS B 159 11.31 5.95 17.25
CA CYS B 159 10.92 5.52 18.58
C CYS B 159 11.29 4.05 18.73
N ARG B 160 11.74 3.67 19.93
CA ARG B 160 12.11 2.29 20.21
C ARG B 160 11.73 1.94 21.65
N PHE B 161 10.98 0.86 21.80
CA PHE B 161 10.65 0.36 23.13
C PHE B 161 11.90 -0.15 23.84
N LEU B 162 12.00 0.13 25.13
CA LEU B 162 12.93 -0.57 26.01
C LEU B 162 12.25 -1.76 26.68
N ASP B 163 11.00 -1.57 27.08
CA ASP B 163 10.16 -2.61 27.65
C ASP B 163 8.71 -2.16 27.45
N ASP B 164 7.78 -2.81 28.15
CA ASP B 164 6.38 -2.45 28.03
C ASP B 164 6.07 -1.10 28.66
N ASN B 165 6.98 -0.54 29.44
CA ASN B 165 6.74 0.71 30.16
C ASN B 165 7.70 1.83 29.79
N GLN B 166 8.79 1.54 29.08
CA GLN B 166 9.78 2.54 28.71
C GLN B 166 9.95 2.57 27.20
N ILE B 167 10.10 3.76 26.65
CA ILE B 167 10.32 3.95 25.22
C ILE B 167 11.14 5.22 25.03
N VAL B 168 12.07 5.18 24.07
CA VAL B 168 12.92 6.32 23.74
C VAL B 168 12.52 6.82 22.36
N THR B 169 12.27 8.11 22.25
CA THR B 169 11.78 8.73 21.01
C THR B 169 12.69 9.89 20.62
N SER B 170 12.81 10.12 19.32
CA SER B 170 13.53 11.26 18.77
C SER B 170 12.56 12.15 18.01
N SER B 171 12.84 13.44 17.99
CA SER B 171 11.94 14.42 17.41
C SER B 171 12.71 15.43 16.57
N GLY B 172 11.96 16.17 15.76
CA GLY B 172 12.50 17.26 14.97
C GLY B 172 12.77 18.52 15.75
N ASP B 173 12.42 18.55 17.03
CA ASP B 173 12.74 19.67 17.91
C ASP B 173 14.14 19.59 18.47
N THR B 174 15.02 18.78 17.86
CA THR B 174 16.42 18.59 18.21
C THR B 174 16.63 17.89 19.55
N THR B 175 15.62 17.17 20.05
CA THR B 175 15.73 16.51 21.33
C THR B 175 15.26 15.06 21.23
N CYS B 176 15.75 14.24 22.15
CA CYS B 176 15.28 12.88 22.36
C CYS B 176 14.69 12.78 23.76
N ALA B 177 13.72 11.88 23.93
CA ALA B 177 13.02 11.76 25.19
C ALA B 177 12.88 10.30 25.59
N LEU B 178 13.00 10.05 26.89
CA LEU B 178 12.69 8.76 27.48
C LEU B 178 11.40 8.87 28.26
N TRP B 179 10.45 7.99 27.97
CA TRP B 179 9.10 8.10 28.50
C TRP B 179 8.79 6.95 29.46
N ASP B 180 7.97 7.25 30.46
CA ASP B 180 7.32 6.23 31.28
C ASP B 180 5.89 6.11 30.76
N ILE B 181 5.59 4.97 30.13
CA ILE B 181 4.33 4.82 29.41
C ILE B 181 3.15 4.83 30.38
N GLU B 182 3.32 4.23 31.57
CA GLU B 182 2.22 4.19 32.52
C GLU B 182 1.77 5.59 32.92
N THR B 183 2.72 6.48 33.20
CA THR B 183 2.39 7.86 33.55
C THR B 183 2.28 8.77 32.34
N GLY B 184 2.87 8.40 31.20
CA GLY B 184 2.78 9.22 30.01
C GLY B 184 3.66 10.44 30.01
N GLN B 185 4.64 10.52 30.91
CA GLN B 185 5.51 11.68 31.02
C GLN B 185 6.93 11.28 30.64
N GLN B 186 7.67 12.24 30.08
CA GLN B 186 9.06 12.00 29.69
C GLN B 186 9.94 12.13 30.93
N THR B 187 10.45 11.00 31.41
CA THR B 187 11.28 11.00 32.61
C THR B 187 12.63 11.64 32.35
N THR B 188 13.19 11.45 31.17
CA THR B 188 14.49 11.99 30.81
C THR B 188 14.40 12.65 29.44
N THR B 189 15.06 13.80 29.30
CA THR B 189 15.14 14.53 28.04
C THR B 189 16.60 14.62 27.63
N PHE B 190 16.87 14.34 26.36
CA PHE B 190 18.23 14.29 25.84
C PHE B 190 18.43 15.46 24.88
N THR B 191 19.16 16.46 25.33
CA THR B 191 19.39 17.68 24.59
C THR B 191 20.88 17.82 24.24
N GLY B 192 21.16 18.51 23.15
CA GLY B 192 22.53 18.72 22.72
C GLY B 192 22.70 18.72 21.22
N HIS B 193 21.74 18.13 20.51
CA HIS B 193 21.74 18.23 19.05
C HIS B 193 21.29 19.61 18.62
N THR B 194 21.95 20.15 17.60
CA THR B 194 21.58 21.46 17.05
C THR B 194 20.73 21.33 15.79
N GLY B 195 20.41 20.11 15.35
CA GLY B 195 19.53 19.89 14.23
C GLY B 195 18.53 18.80 14.54
N ASP B 196 17.56 18.65 13.64
CA ASP B 196 16.50 17.67 13.81
C ASP B 196 17.08 16.27 13.93
N VAL B 197 16.72 15.56 15.00
CA VAL B 197 17.16 14.18 15.18
C VAL B 197 16.28 13.28 14.33
N MET B 198 16.91 12.47 13.49
CA MET B 198 16.18 11.69 12.49
C MET B 198 16.10 10.20 12.81
N SER B 199 16.96 9.69 13.68
CA SER B 199 16.95 8.27 13.98
C SER B 199 17.55 8.04 15.35
N LEU B 200 17.26 6.87 15.92
CA LEU B 200 17.91 6.41 17.13
C LEU B 200 17.99 4.90 17.11
N SER B 201 18.98 4.35 17.82
CA SER B 201 19.19 2.91 17.89
C SER B 201 19.61 2.55 19.29
N LEU B 202 18.86 1.63 19.91
CA LEU B 202 19.17 1.15 21.25
C LEU B 202 20.29 0.13 21.19
N ALA B 203 21.18 0.19 22.18
CA ALA B 203 22.20 -0.83 22.32
C ALA B 203 21.56 -2.16 22.72
N PRO B 204 22.24 -3.28 22.44
CA PRO B 204 21.65 -4.58 22.81
C PRO B 204 21.31 -4.71 24.28
N ASP B 205 22.07 -4.07 25.17
CA ASP B 205 21.75 -4.09 26.59
C ASP B 205 20.80 -2.97 27.00
N THR B 206 20.41 -2.09 26.07
CA THR B 206 19.46 -1.01 26.30
C THR B 206 19.91 -0.07 27.44
N ARG B 207 21.22 0.04 27.65
CA ARG B 207 21.75 1.02 28.59
C ARG B 207 22.22 2.29 27.90
N LEU B 208 22.51 2.22 26.61
CA LEU B 208 22.92 3.37 25.81
C LEU B 208 22.16 3.35 24.49
N PHE B 209 22.06 4.51 23.86
CA PHE B 209 21.53 4.58 22.51
C PHE B 209 22.22 5.71 21.77
N VAL B 210 22.29 5.57 20.45
CA VAL B 210 22.89 6.58 19.58
C VAL B 210 21.78 7.22 18.77
N SER B 211 21.98 8.49 18.43
CA SER B 211 21.02 9.25 17.64
C SER B 211 21.76 10.00 16.54
N GLY B 212 21.10 10.15 15.39
CA GLY B 212 21.63 10.91 14.27
C GLY B 212 20.71 12.09 13.95
N ALA B 213 21.31 13.26 13.82
CA ALA B 213 20.57 14.49 13.63
C ALA B 213 20.98 15.17 12.34
N CYS B 214 20.28 16.27 12.03
CA CYS B 214 20.54 17.05 10.82
C CYS B 214 21.78 17.93 10.94
N ASP B 215 22.39 18.02 12.12
CA ASP B 215 23.67 18.70 12.27
C ASP B 215 24.85 17.84 11.84
N ALA B 216 24.58 16.74 11.13
CA ALA B 216 25.61 15.84 10.60
C ALA B 216 26.45 15.23 11.71
N SER B 217 25.88 15.03 12.88
CA SER B 217 26.59 14.46 14.01
C SER B 217 25.77 13.34 14.64
N ALA B 218 26.47 12.40 15.26
CA ALA B 218 25.87 11.32 16.02
C ALA B 218 26.31 11.44 17.47
N LYS B 219 25.38 11.22 18.39
CA LYS B 219 25.65 11.33 19.81
C LYS B 219 25.34 10.02 20.52
N LEU B 220 26.18 9.67 21.48
CA LEU B 220 25.96 8.52 22.35
C LEU B 220 25.38 9.01 23.67
N TRP B 221 24.23 8.46 24.05
CA TRP B 221 23.51 8.91 25.23
C TRP B 221 23.50 7.82 26.29
N ASP B 222 23.58 8.24 27.55
CA ASP B 222 23.39 7.34 28.68
C ASP B 222 21.91 7.38 29.07
N VAL B 223 21.24 6.23 28.98
CA VAL B 223 19.80 6.18 29.26
C VAL B 223 19.54 6.46 30.73
N ARG B 224 20.31 5.83 31.62
CA ARG B 224 20.08 6.00 33.05
C ARG B 224 20.52 7.37 33.52
N GLU B 225 21.72 7.81 33.11
CA GLU B 225 22.25 9.08 33.59
C GLU B 225 21.59 10.26 32.88
N GLY B 226 21.29 10.12 31.59
CA GLY B 226 20.59 11.15 30.86
C GLY B 226 21.48 12.20 30.21
N MET B 227 22.75 11.91 30.00
CA MET B 227 23.68 12.87 29.41
C MET B 227 24.37 12.26 28.19
N CYS B 228 24.86 13.14 27.33
CA CYS B 228 25.58 12.73 26.14
C CYS B 228 27.00 12.32 26.52
N ARG B 229 27.40 11.12 26.11
CA ARG B 229 28.72 10.61 26.49
C ARG B 229 29.76 10.92 25.42
N GLN B 230 29.45 10.65 24.16
CA GLN B 230 30.37 10.89 23.07
C GLN B 230 29.63 11.52 21.90
N THR B 231 30.37 12.29 21.09
CA THR B 231 29.84 12.93 19.89
C THR B 231 30.67 12.47 18.71
N PHE B 232 29.99 12.13 17.61
CA PHE B 232 30.64 11.59 16.42
C PHE B 232 30.30 12.46 15.23
N THR B 233 31.33 12.96 14.55
CA THR B 233 31.18 13.80 13.38
C THR B 233 31.87 13.17 12.18
N GLY B 234 31.70 13.78 11.02
CA GLY B 234 32.34 13.29 9.81
C GLY B 234 31.46 13.35 8.58
N HIS B 235 30.15 13.19 8.76
CA HIS B 235 29.24 13.29 7.63
C HIS B 235 29.10 14.75 7.18
N GLU B 236 28.85 14.92 5.89
CA GLU B 236 28.75 16.25 5.30
C GLU B 236 27.33 16.79 5.24
N SER B 237 26.33 15.98 5.58
CA SER B 237 24.94 16.42 5.55
C SER B 237 24.15 15.66 6.60
N ASP B 238 22.82 15.75 6.52
CA ASP B 238 21.95 15.19 7.53
C ASP B 238 22.11 13.68 7.62
N ILE B 239 22.25 13.19 8.85
CA ILE B 239 22.23 11.76 9.11
C ILE B 239 20.79 11.28 9.19
N ASN B 240 20.43 10.33 8.34
CA ASN B 240 19.06 9.82 8.28
C ASN B 240 18.87 8.48 8.98
N ALA B 241 19.91 7.66 9.05
CA ALA B 241 19.81 6.32 9.60
C ALA B 241 20.97 6.07 10.55
N ILE B 242 20.72 5.22 11.55
CA ILE B 242 21.75 4.86 12.51
C ILE B 242 21.39 3.48 13.07
N CYS B 243 22.41 2.66 13.29
CA CYS B 243 22.20 1.30 13.74
C CYS B 243 23.41 0.83 14.52
N PHE B 244 23.17 0.17 15.64
CA PHE B 244 24.26 -0.37 16.45
C PHE B 244 24.84 -1.63 15.83
N PHE B 245 26.14 -1.82 16.01
CA PHE B 245 26.76 -3.09 15.71
C PHE B 245 26.25 -4.14 16.69
N PRO B 246 26.22 -5.42 16.29
CA PRO B 246 25.66 -6.45 17.17
C PRO B 246 26.29 -6.53 18.56
N ASN B 247 27.58 -6.24 18.71
CA ASN B 247 28.20 -6.33 20.02
C ASN B 247 28.02 -5.07 20.86
N GLY B 248 27.47 -4.00 20.28
CA GLY B 248 27.22 -2.79 21.02
C GLY B 248 28.42 -1.88 21.21
N ASN B 249 29.56 -2.21 20.61
CA ASN B 249 30.76 -1.39 20.71
C ASN B 249 30.96 -0.49 19.50
N ALA B 250 30.04 -0.50 18.55
CA ALA B 250 30.17 0.28 17.33
C ALA B 250 28.77 0.52 16.75
N PHE B 251 28.71 1.45 15.81
CA PHE B 251 27.46 1.75 15.13
C PHE B 251 27.76 2.33 13.76
N ALA B 252 26.77 2.22 12.87
CA ALA B 252 26.88 2.76 11.52
C ALA B 252 25.77 3.78 11.29
N THR B 253 26.08 4.78 10.47
CA THR B 253 25.14 5.84 10.15
C THR B 253 24.95 5.93 8.64
N GLY B 254 23.78 6.42 8.24
CA GLY B 254 23.49 6.69 6.85
C GLY B 254 23.04 8.12 6.66
N SER B 255 23.66 8.84 5.73
CA SER B 255 23.46 10.27 5.59
C SER B 255 23.05 10.64 4.17
N ASP B 256 22.75 11.93 3.99
CA ASP B 256 22.38 12.48 2.69
C ASP B 256 23.57 12.68 1.76
N ASP B 257 24.80 12.61 2.28
CA ASP B 257 26.00 12.76 1.46
C ASP B 257 26.35 11.48 0.71
N ALA B 258 25.41 10.53 0.61
CA ALA B 258 25.56 9.30 -0.16
C ALA B 258 26.65 8.40 0.42
N THR B 259 26.89 8.49 1.73
CA THR B 259 27.89 7.67 2.37
C THR B 259 27.32 7.01 3.62
N CYS B 260 27.82 5.83 3.93
CA CYS B 260 27.62 5.17 5.21
C CYS B 260 28.95 5.10 5.92
N ARG B 261 28.94 5.40 7.22
CA ARG B 261 30.16 5.41 8.00
C ARG B 261 29.98 4.59 9.26
N LEU B 262 31.06 3.95 9.70
CA LEU B 262 31.07 3.13 10.90
C LEU B 262 31.92 3.84 11.95
N PHE B 263 31.34 4.05 13.13
CA PHE B 263 32.03 4.66 14.25
C PHE B 263 32.19 3.64 15.38
N ASP B 264 33.31 3.73 16.07
CA ASP B 264 33.62 2.86 17.21
C ASP B 264 33.52 3.68 18.49
N LEU B 265 32.80 3.13 19.48
CA LEU B 265 32.60 3.85 20.73
C LEU B 265 33.90 3.97 21.51
N ARG B 266 34.64 2.87 21.66
CA ARG B 266 35.88 2.91 22.43
C ARG B 266 36.96 3.70 21.71
N ALA B 267 37.03 3.59 20.38
CA ALA B 267 37.94 4.43 19.61
C ALA B 267 37.46 5.87 19.51
N ASP B 268 36.15 6.10 19.68
CA ASP B 268 35.58 7.45 19.68
C ASP B 268 35.85 8.17 18.36
N GLN B 269 35.89 7.42 17.27
CA GLN B 269 36.19 7.98 15.96
C GLN B 269 35.67 7.07 14.88
N GLU B 270 35.57 7.60 13.67
CA GLU B 270 35.11 6.84 12.53
C GLU B 270 36.13 5.78 12.13
N LEU B 271 35.64 4.60 11.77
CA LEU B 271 36.50 3.50 11.38
C LEU B 271 36.44 3.17 9.89
N MET B 272 35.33 3.46 9.21
CA MET B 272 35.19 3.05 7.83
C MET B 272 34.11 3.91 7.17
N THR B 273 34.29 4.17 5.88
CA THR B 273 33.31 4.86 5.06
C THR B 273 32.86 3.92 3.93
N TYR B 274 31.55 3.84 3.75
CA TYR B 274 30.95 2.95 2.75
C TYR B 274 30.31 3.81 1.67
N SER B 275 31.07 4.08 0.61
CA SER B 275 30.62 4.97 -0.44
C SER B 275 31.06 4.41 -1.79
N HIS B 276 30.35 4.82 -2.84
CA HIS B 276 30.69 4.48 -4.21
C HIS B 276 30.46 5.69 -5.10
N ASP B 277 31.22 5.76 -6.19
CA ASP B 277 31.12 6.91 -7.08
C ASP B 277 29.76 6.98 -7.77
N ASN B 278 29.20 5.82 -8.15
CA ASN B 278 27.89 5.83 -8.80
C ASN B 278 26.77 6.21 -7.84
N ILE B 279 27.00 6.10 -6.53
CA ILE B 279 25.99 6.43 -5.54
C ILE B 279 26.08 7.92 -5.23
N ILE B 280 25.00 8.65 -5.51
CA ILE B 280 24.98 10.09 -5.33
C ILE B 280 23.72 10.50 -4.57
N CYS B 281 22.88 9.52 -4.24
CA CYS B 281 21.61 9.79 -3.58
C CYS B 281 21.74 9.61 -2.08
N GLY B 282 20.75 10.13 -1.36
CA GLY B 282 20.74 9.98 0.09
C GLY B 282 20.46 8.57 0.53
N ILE B 283 20.81 8.29 1.79
CA ILE B 283 20.65 6.97 2.38
C ILE B 283 19.59 7.06 3.47
N THR B 284 18.55 6.24 3.34
CA THR B 284 17.38 6.31 4.21
C THR B 284 17.46 5.41 5.43
N SER B 285 17.97 4.19 5.28
CA SER B 285 17.94 3.22 6.37
C SER B 285 19.21 2.38 6.32
N VAL B 286 19.70 1.98 7.49
CA VAL B 286 20.86 1.10 7.61
C VAL B 286 20.54 0.01 8.61
N SER B 287 21.16 -1.16 8.41
CA SER B 287 21.00 -2.28 9.32
C SER B 287 22.16 -3.24 9.13
N PHE B 288 22.46 -4.00 10.18
CA PHE B 288 23.52 -4.99 10.16
C PHE B 288 22.93 -6.39 10.10
N SER B 289 23.75 -7.32 9.64
CA SER B 289 23.38 -8.73 9.71
C SER B 289 23.55 -9.24 11.15
N LYS B 290 23.28 -10.53 11.34
CA LYS B 290 23.37 -11.11 12.67
C LYS B 290 24.80 -11.06 13.20
N SER B 291 25.78 -11.36 12.35
CA SER B 291 27.18 -11.32 12.75
C SER B 291 27.81 -9.94 12.62
N GLY B 292 27.13 -9.00 11.98
CA GLY B 292 27.69 -7.70 11.71
C GLY B 292 28.63 -7.63 10.54
N ARG B 293 28.83 -8.74 9.82
CA ARG B 293 29.72 -8.73 8.66
C ARG B 293 29.11 -7.96 7.50
N LEU B 294 27.79 -7.98 7.36
CA LEU B 294 27.10 -7.30 6.28
C LEU B 294 26.38 -6.06 6.82
N LEU B 295 26.60 -4.93 6.16
CA LEU B 295 25.89 -3.69 6.44
C LEU B 295 24.94 -3.43 5.28
N LEU B 296 23.64 -3.44 5.56
CA LEU B 296 22.63 -3.24 4.54
C LEU B 296 22.09 -1.81 4.65
N ALA B 297 22.03 -1.12 3.51
CA ALA B 297 21.61 0.27 3.47
C ALA B 297 20.57 0.47 2.39
N GLY B 298 19.53 1.24 2.70
CA GLY B 298 18.55 1.64 1.72
C GLY B 298 18.83 3.03 1.17
N TYR B 299 18.51 3.23 -0.10
CA TYR B 299 18.89 4.43 -0.82
C TYR B 299 17.69 5.03 -1.53
N ASP B 300 17.89 6.26 -2.03
CA ASP B 300 16.87 6.91 -2.84
C ASP B 300 16.88 6.45 -4.28
N ASP B 301 17.92 5.72 -4.71
CA ASP B 301 18.03 5.25 -6.08
C ASP B 301 17.17 4.00 -6.30
N PHE B 302 16.27 3.73 -5.35
CA PHE B 302 15.27 2.66 -5.35
C PHE B 302 15.89 1.31 -5.00
N ASN B 303 17.16 1.27 -4.60
CA ASN B 303 17.86 0.03 -4.34
C ASN B 303 18.32 -0.05 -2.89
N CYS B 304 18.63 -1.27 -2.47
CA CYS B 304 19.29 -1.54 -1.19
C CYS B 304 20.63 -2.20 -1.50
N ASN B 305 21.71 -1.60 -1.01
CA ASN B 305 23.06 -2.11 -1.26
C ASN B 305 23.56 -2.86 -0.05
N VAL B 306 24.11 -4.04 -0.28
CA VAL B 306 24.73 -4.83 0.78
C VAL B 306 26.21 -4.49 0.82
N TRP B 307 26.70 -4.09 1.98
CA TRP B 307 28.08 -3.68 2.15
C TRP B 307 28.83 -4.68 3.02
N ASP B 308 30.08 -4.93 2.65
CA ASP B 308 30.99 -5.70 3.49
C ASP B 308 31.52 -4.76 4.56
N ALA B 309 31.00 -4.87 5.79
CA ALA B 309 31.29 -3.90 6.83
C ALA B 309 32.76 -3.87 7.18
N LEU B 310 33.45 -5.02 7.10
CA LEU B 310 34.85 -5.07 7.47
C LEU B 310 35.76 -4.55 6.37
N LYS B 311 35.38 -4.71 5.11
CA LYS B 311 36.25 -4.40 3.99
C LYS B 311 35.75 -3.26 3.12
N ALA B 312 34.57 -2.70 3.41
CA ALA B 312 34.01 -1.58 2.67
C ALA B 312 33.87 -1.89 1.19
N ASP B 313 33.39 -3.09 0.88
CA ASP B 313 33.09 -3.50 -0.49
C ASP B 313 31.60 -3.76 -0.61
N ARG B 314 31.02 -3.35 -1.73
CA ARG B 314 29.62 -3.63 -2.00
C ARG B 314 29.48 -5.11 -2.35
N ALA B 315 28.81 -5.87 -1.48
CA ALA B 315 28.69 -7.31 -1.68
C ALA B 315 27.48 -7.67 -2.54
N GLY B 316 26.40 -6.91 -2.46
CA GLY B 316 25.21 -7.25 -3.22
C GLY B 316 24.29 -6.05 -3.36
N VAL B 317 23.24 -6.25 -4.14
CA VAL B 317 22.24 -5.21 -4.39
C VAL B 317 20.87 -5.85 -4.31
N LEU B 318 19.98 -5.25 -3.52
CA LEU B 318 18.58 -5.69 -3.43
C LEU B 318 17.73 -4.73 -4.25
N ALA B 319 17.59 -5.02 -5.54
CA ALA B 319 16.90 -4.14 -6.48
C ALA B 319 15.57 -4.79 -6.84
N GLY B 320 14.53 -4.44 -6.09
CA GLY B 320 13.20 -4.96 -6.35
C GLY B 320 12.10 -3.96 -6.10
N HIS B 321 12.46 -2.71 -5.83
CA HIS B 321 11.50 -1.67 -5.51
C HIS B 321 11.51 -0.61 -6.60
N ASP B 322 10.31 -0.13 -6.93
CA ASP B 322 10.12 0.87 -7.99
C ASP B 322 10.15 2.29 -7.46
N ASN B 323 10.35 2.47 -6.15
CA ASN B 323 10.44 3.81 -5.58
C ASN B 323 11.47 3.75 -4.46
N ARG B 324 11.60 4.86 -3.73
CA ARG B 324 12.65 4.97 -2.73
C ARG B 324 12.47 3.96 -1.62
N VAL B 325 13.55 3.26 -1.27
CA VAL B 325 13.54 2.31 -0.16
C VAL B 325 13.66 3.13 1.12
N SER B 326 12.57 3.23 1.88
CA SER B 326 12.50 4.11 3.03
C SER B 326 12.86 3.42 4.34
N CYS B 327 12.82 2.09 4.40
CA CYS B 327 13.04 1.39 5.64
C CYS B 327 13.53 -0.01 5.35
N LEU B 328 14.25 -0.59 6.30
CA LEU B 328 14.64 -1.99 6.24
C LEU B 328 14.97 -2.47 7.63
N GLY B 329 14.99 -3.80 7.78
CA GLY B 329 15.30 -4.41 9.06
C GLY B 329 15.71 -5.85 8.88
N VAL B 330 16.61 -6.30 9.75
CA VAL B 330 17.09 -7.67 9.76
C VAL B 330 16.57 -8.34 11.02
N THR B 331 16.09 -9.58 10.88
CA THR B 331 15.49 -10.29 12.00
C THR B 331 16.54 -10.62 13.07
N ASP B 332 16.04 -10.97 14.26
CA ASP B 332 16.93 -11.26 15.37
C ASP B 332 17.73 -12.53 15.13
N ASP B 333 17.18 -13.47 14.36
CA ASP B 333 17.93 -14.67 13.99
C ASP B 333 18.73 -14.50 12.70
N GLY B 334 18.71 -13.31 12.11
CA GLY B 334 19.43 -13.05 10.88
C GLY B 334 18.94 -13.81 9.68
N MET B 335 17.74 -14.40 9.76
CA MET B 335 17.27 -15.29 8.71
C MET B 335 16.83 -14.52 7.48
N ALA B 336 16.21 -13.35 7.67
CA ALA B 336 15.67 -12.60 6.55
C ALA B 336 15.85 -11.11 6.80
N VAL B 337 15.74 -10.34 5.72
CA VAL B 337 15.76 -8.88 5.78
C VAL B 337 14.54 -8.37 5.02
N ALA B 338 13.78 -7.48 5.66
CA ALA B 338 12.61 -6.87 5.06
C ALA B 338 12.95 -5.45 4.62
N THR B 339 12.44 -5.04 3.47
CA THR B 339 12.62 -3.69 2.96
C THR B 339 11.25 -3.10 2.62
N GLY B 340 10.98 -1.91 3.15
CA GLY B 340 9.81 -1.16 2.76
C GLY B 340 10.18 -0.04 1.81
N SER B 341 9.21 0.47 1.06
CA SER B 341 9.52 1.46 0.04
C SER B 341 8.32 2.36 -0.20
N TRP B 342 8.58 3.48 -0.88
CA TRP B 342 7.52 4.41 -1.25
C TRP B 342 6.58 3.85 -2.31
N ASP B 343 6.94 2.72 -2.94
CA ASP B 343 6.06 2.06 -3.90
C ASP B 343 4.93 1.29 -3.24
N SER B 344 4.81 1.36 -1.91
CA SER B 344 3.75 0.77 -1.11
C SER B 344 3.87 -0.75 -0.98
N PHE B 345 5.09 -1.29 -1.00
CA PHE B 345 5.29 -2.73 -0.87
C PHE B 345 6.42 -3.02 0.11
N LEU B 346 6.30 -4.14 0.81
CA LEU B 346 7.36 -4.68 1.63
C LEU B 346 7.80 -6.02 1.06
N LYS B 347 9.10 -6.27 1.07
CA LYS B 347 9.66 -7.50 0.51
C LYS B 347 10.59 -8.15 1.53
N ILE B 348 10.53 -9.47 1.57
CA ILE B 348 11.37 -10.28 2.45
C ILE B 348 12.47 -10.91 1.60
N TRP B 349 13.71 -10.80 2.05
CA TRP B 349 14.87 -11.27 1.30
C TRP B 349 15.71 -12.21 2.14
N ASN B 350 16.18 -13.28 1.51
CA ASN B 350 17.27 -14.09 2.06
C ASN B 350 17.95 -14.82 0.93
N GLY B 351 19.16 -15.33 1.22
CA GLY B 351 19.95 -16.03 0.23
C GLY B 351 19.62 -17.52 0.18
N SER B 352 20.28 -18.20 -0.76
CA SER B 352 20.11 -19.63 -0.94
C SER B 352 21.47 -20.29 -1.11
N SER B 353 21.56 -21.55 -0.71
CA SER B 353 22.80 -22.30 -0.79
C SER B 353 23.15 -22.63 -2.24
N THR C 6 21.24 37.43 28.24
CA THR C 6 22.31 36.59 28.75
C THR C 6 22.12 35.14 28.34
N ALA C 7 21.46 34.94 27.20
CA ALA C 7 21.25 33.58 26.70
C ALA C 7 22.53 32.99 26.12
N SER C 8 23.29 33.80 25.37
CA SER C 8 24.51 33.30 24.75
C SER C 8 25.56 32.91 25.79
N ILE C 9 25.71 33.71 26.84
CA ILE C 9 26.72 33.42 27.85
C ILE C 9 26.35 32.17 28.63
N ALA C 10 25.06 31.97 28.91
CA ALA C 10 24.62 30.76 29.59
C ALA C 10 24.82 29.53 28.73
N GLN C 11 24.53 29.64 27.42
CA GLN C 11 24.73 28.52 26.51
C GLN C 11 26.22 28.20 26.34
N ALA C 12 27.07 29.24 26.36
CA ALA C 12 28.50 29.02 26.18
C ALA C 12 29.08 28.17 27.30
N ARG C 13 28.66 28.42 28.55
CA ARG C 13 29.13 27.61 29.66
C ARG C 13 28.69 26.16 29.51
N LYS C 14 27.45 25.94 29.07
CA LYS C 14 26.95 24.58 28.93
C LYS C 14 27.72 23.80 27.86
N LEU C 15 28.04 24.44 26.74
CA LEU C 15 28.78 23.76 25.67
C LEU C 15 30.19 23.43 26.12
N VAL C 16 30.86 24.36 26.81
CA VAL C 16 32.22 24.12 27.27
C VAL C 16 32.26 22.98 28.28
N GLU C 17 31.29 22.95 29.19
CA GLU C 17 31.26 21.90 30.20
C GLU C 17 31.06 20.53 29.58
N GLN C 18 30.24 20.45 28.53
CA GLN C 18 30.04 19.19 27.83
C GLN C 18 31.33 18.69 27.18
N LEU C 19 32.07 19.60 26.54
CA LEU C 19 33.30 19.20 25.85
C LEU C 19 34.35 18.69 26.83
N LYS C 20 34.36 19.21 28.06
CA LYS C 20 35.30 18.69 29.05
C LYS C 20 35.00 17.22 29.37
N MET C 21 33.73 16.86 29.49
CA MET C 21 33.37 15.47 29.74
C MET C 21 33.78 14.58 28.56
N GLU C 22 33.57 15.05 27.34
CA GLU C 22 33.89 14.24 26.17
C GLU C 22 35.39 14.15 25.92
N ALA C 23 36.17 15.07 26.48
CA ALA C 23 37.61 15.07 26.27
C ALA C 23 38.38 14.26 27.31
N ASN C 24 37.73 13.79 28.36
CA ASN C 24 38.41 13.06 29.43
C ASN C 24 38.09 11.58 29.42
N ILE C 25 37.51 11.06 28.35
CA ILE C 25 37.21 9.63 28.28
C ILE C 25 38.45 8.85 27.87
N ASP C 26 38.43 7.55 28.12
CA ASP C 26 39.53 6.67 27.78
C ASP C 26 39.32 6.08 26.40
N ARG C 27 40.32 6.22 25.54
CA ARG C 27 40.25 5.76 24.15
C ARG C 27 41.30 4.70 23.91
N ILE C 28 40.88 3.56 23.35
CA ILE C 28 41.79 2.51 22.97
C ILE C 28 42.23 2.74 21.52
N LYS C 29 43.30 2.05 21.12
CA LYS C 29 43.81 2.18 19.77
C LYS C 29 42.79 1.67 18.76
N VAL C 30 42.84 2.22 17.55
CA VAL C 30 41.93 1.79 16.49
C VAL C 30 42.19 0.34 16.12
N SER C 31 43.46 -0.06 16.06
CA SER C 31 43.78 -1.45 15.78
C SER C 31 43.17 -2.39 16.81
N LYS C 32 43.18 -1.98 18.09
CA LYS C 32 42.50 -2.75 19.11
C LYS C 32 40.99 -2.77 18.88
N ALA C 33 40.42 -1.63 18.49
CA ALA C 33 38.98 -1.57 18.21
C ALA C 33 38.63 -2.30 16.92
N ALA C 34 39.50 -2.24 15.92
CA ALA C 34 39.25 -2.93 14.66
C ALA C 34 39.31 -4.44 14.85
N ALA C 35 40.23 -4.92 15.69
CA ALA C 35 40.35 -6.36 15.92
C ALA C 35 39.09 -6.94 16.55
N ASP C 36 38.50 -6.21 17.51
CA ASP C 36 37.30 -6.70 18.17
C ASP C 36 36.13 -6.82 17.21
N LEU C 37 35.98 -5.84 16.30
CA LEU C 37 34.95 -5.94 15.27
C LEU C 37 35.22 -7.13 14.35
N MET C 38 36.48 -7.33 13.97
CA MET C 38 36.84 -8.46 13.14
C MET C 38 36.66 -9.78 13.87
N ALA C 39 37.01 -9.80 15.17
CA ALA C 39 36.87 -11.02 15.95
C ALA C 39 35.40 -11.40 16.13
N TYR C 40 34.54 -10.42 16.38
CA TYR C 40 33.12 -10.72 16.60
C TYR C 40 32.50 -11.33 15.34
N CYS C 41 32.83 -10.81 14.17
CA CYS C 41 32.29 -11.36 12.93
C CYS C 41 32.76 -12.78 12.69
N GLU C 42 34.03 -13.07 12.98
CA GLU C 42 34.55 -14.41 12.79
C GLU C 42 33.87 -15.41 13.71
N ALA C 43 33.63 -15.02 14.97
CA ALA C 43 32.98 -15.91 15.91
C ALA C 43 31.53 -16.20 15.52
N HIS C 44 30.81 -15.21 15.00
CA HIS C 44 29.41 -15.36 14.66
C HIS C 44 29.17 -15.56 13.18
N ALA C 45 30.22 -15.87 12.41
CA ALA C 45 30.07 -16.01 10.97
C ALA C 45 29.20 -17.21 10.61
N LYS C 46 29.39 -18.34 11.30
CA LYS C 46 28.66 -19.55 10.98
C LYS C 46 27.17 -19.41 11.25
N GLU C 47 26.79 -18.71 12.32
CA GLU C 47 25.40 -18.56 12.69
C GLU C 47 24.73 -17.35 12.06
N ASP C 48 25.27 -16.86 10.94
CA ASP C 48 24.68 -15.73 10.21
C ASP C 48 24.05 -16.26 8.93
N PRO C 49 22.71 -16.37 8.86
CA PRO C 49 22.08 -16.88 7.63
C PRO C 49 22.36 -16.06 6.40
N LEU C 50 22.39 -14.74 6.50
CA LEU C 50 22.61 -13.92 5.32
C LEU C 50 24.03 -14.08 4.80
N LEU C 51 25.01 -14.16 5.70
CA LEU C 51 26.40 -14.34 5.28
C LEU C 51 26.60 -15.74 4.71
N THR C 52 26.14 -16.77 5.40
CA THR C 52 26.22 -18.15 4.93
C THR C 52 24.80 -18.70 4.81
N PRO C 53 24.24 -18.73 3.61
CA PRO C 53 22.84 -19.17 3.46
C PRO C 53 22.63 -20.59 3.93
N VAL C 54 21.50 -20.81 4.60
CA VAL C 54 21.14 -22.11 5.17
C VAL C 54 20.47 -22.96 4.11
N PRO C 55 20.44 -24.29 4.27
CA PRO C 55 19.70 -25.13 3.32
C PRO C 55 18.22 -24.79 3.33
N ALA C 56 17.57 -25.02 2.19
CA ALA C 56 16.17 -24.65 2.03
C ALA C 56 15.27 -25.37 3.02
N SER C 57 15.69 -26.53 3.52
CA SER C 57 14.88 -27.25 4.50
C SER C 57 14.78 -26.48 5.82
N GLU C 58 15.81 -25.73 6.17
CA GLU C 58 15.84 -24.95 7.40
C GLU C 58 15.44 -23.50 7.19
N ASN C 59 15.03 -23.13 5.98
CA ASN C 59 14.70 -21.75 5.65
C ASN C 59 13.21 -21.52 5.83
N PRO C 60 12.78 -20.67 6.75
CA PRO C 60 11.33 -20.44 6.93
C PRO C 60 10.68 -19.72 5.76
N PHE C 61 11.45 -19.21 4.80
CA PHE C 61 10.92 -18.43 3.69
C PHE C 61 11.15 -19.12 2.35
N ARG C 62 10.85 -20.41 2.27
CA ARG C 62 10.98 -21.16 1.03
C ARG C 62 10.07 -20.61 -0.05
N ASP D 1 -17.07 -5.61 30.49
CA ASP D 1 -16.43 -6.91 30.57
C ASP D 1 -16.98 -7.84 29.50
N VAL D 2 -16.18 -8.82 29.10
CA VAL D 2 -16.62 -9.77 28.08
C VAL D 2 -17.73 -10.63 28.64
N GLN D 3 -18.83 -10.73 27.91
CA GLN D 3 -20.00 -11.45 28.37
C GLN D 3 -20.74 -12.07 27.19
N LEU D 4 -21.14 -13.34 27.35
CA LEU D 4 -21.93 -14.06 26.36
C LEU D 4 -23.12 -14.66 27.08
N VAL D 5 -24.32 -14.21 26.75
CA VAL D 5 -25.54 -14.64 27.42
C VAL D 5 -26.40 -15.37 26.40
N GLU D 6 -26.73 -16.63 26.69
CA GLU D 6 -27.58 -17.43 25.82
C GLU D 6 -29.00 -17.44 26.35
N SER D 7 -29.96 -17.57 25.43
CA SER D 7 -31.36 -17.62 25.77
C SER D 7 -32.10 -18.43 24.71
N GLY D 8 -33.36 -18.73 24.99
CA GLY D 8 -34.21 -19.45 24.07
C GLY D 8 -34.41 -20.91 24.39
N GLY D 9 -33.66 -21.46 25.35
CA GLY D 9 -33.83 -22.85 25.70
C GLY D 9 -35.08 -23.10 26.51
N GLY D 10 -35.47 -24.35 26.57
CA GLY D 10 -36.66 -24.74 27.31
C GLY D 10 -37.17 -26.08 26.84
N LEU D 11 -38.28 -26.49 27.45
CA LEU D 11 -38.89 -27.76 27.11
C LEU D 11 -39.64 -27.66 25.79
N VAL D 12 -39.33 -28.57 24.86
CA VAL D 12 -39.96 -28.61 23.55
C VAL D 12 -40.42 -30.03 23.27
N GLN D 13 -41.37 -30.16 22.35
CA GLN D 13 -41.85 -31.45 21.94
C GLN D 13 -40.93 -32.06 20.88
N PRO D 14 -40.86 -33.39 20.78
CA PRO D 14 -40.04 -34.01 19.74
C PRO D 14 -40.50 -33.61 18.36
N GLY D 15 -39.54 -33.41 17.46
CA GLY D 15 -39.83 -32.99 16.11
C GLY D 15 -40.14 -31.51 15.96
N GLY D 16 -40.14 -30.75 17.04
CA GLY D 16 -40.43 -29.33 16.99
C GLY D 16 -39.23 -28.51 16.61
N SER D 17 -39.39 -27.19 16.72
CA SER D 17 -38.34 -26.24 16.38
C SER D 17 -38.14 -25.26 17.54
N ARG D 18 -36.89 -24.88 17.75
CA ARG D 18 -36.54 -23.94 18.80
C ARG D 18 -35.42 -23.04 18.32
N LYS D 19 -35.38 -21.82 18.84
CA LYS D 19 -34.41 -20.81 18.44
C LYS D 19 -33.57 -20.42 19.63
N LEU D 20 -32.25 -20.48 19.48
CA LEU D 20 -31.31 -20.09 20.50
C LEU D 20 -30.64 -18.77 20.13
N SER D 21 -30.54 -17.87 21.09
CA SER D 21 -29.91 -16.57 20.90
C SER D 21 -28.72 -16.44 21.84
N CYS D 22 -27.68 -15.76 21.39
CA CYS D 22 -26.48 -15.50 22.20
C CYS D 22 -26.17 -14.01 22.12
N SER D 23 -26.30 -13.31 23.24
CA SER D 23 -26.06 -11.88 23.30
C SER D 23 -24.62 -11.62 23.74
N ALA D 24 -23.88 -10.88 22.92
CA ALA D 24 -22.47 -10.59 23.17
C ALA D 24 -22.30 -9.14 23.61
N SER D 25 -21.48 -8.93 24.63
CA SER D 25 -21.17 -7.60 25.11
C SER D 25 -19.75 -7.58 25.66
N GLY D 26 -19.10 -6.42 25.54
CA GLY D 26 -17.79 -6.22 26.11
C GLY D 26 -16.62 -6.63 25.24
N PHE D 27 -16.84 -6.96 23.98
CA PHE D 27 -15.74 -7.31 23.09
C PHE D 27 -16.19 -7.10 21.65
N ALA D 28 -15.22 -7.09 20.75
CA ALA D 28 -15.48 -6.87 19.33
C ALA D 28 -16.09 -8.11 18.70
N PHE D 29 -17.42 -8.19 18.73
CA PHE D 29 -18.11 -9.41 18.32
C PHE D 29 -17.86 -9.76 16.87
N SER D 30 -17.85 -8.76 15.99
CA SER D 30 -17.70 -9.02 14.56
C SER D 30 -16.33 -9.58 14.20
N SER D 31 -15.33 -9.44 15.08
CA SER D 31 -14.00 -9.94 14.81
C SER D 31 -13.79 -11.38 15.29
N PHE D 32 -14.77 -11.97 15.95
CA PHE D 32 -14.65 -13.30 16.52
C PHE D 32 -15.49 -14.30 15.75
N GLY D 33 -14.90 -15.46 15.47
CA GLY D 33 -15.69 -16.61 15.07
C GLY D 33 -16.45 -17.16 16.25
N MET D 34 -17.64 -17.70 15.99
CA MET D 34 -18.53 -18.14 17.05
C MET D 34 -18.87 -19.60 16.89
N HIS D 35 -18.94 -20.31 18.01
CA HIS D 35 -19.22 -21.74 18.05
C HIS D 35 -20.40 -22.02 18.96
N TRP D 36 -21.10 -23.10 18.67
CA TRP D 36 -22.07 -23.70 19.59
C TRP D 36 -21.54 -25.05 20.03
N VAL D 37 -21.45 -25.26 21.34
CA VAL D 37 -21.01 -26.52 21.92
C VAL D 37 -22.04 -26.93 22.96
N ARG D 38 -22.58 -28.14 22.81
CA ARG D 38 -23.61 -28.63 23.72
C ARG D 38 -23.06 -29.71 24.63
N GLN D 39 -23.77 -29.93 25.72
CA GLN D 39 -23.37 -30.89 26.74
C GLN D 39 -24.63 -31.57 27.26
N ALA D 40 -24.83 -32.83 26.88
CA ALA D 40 -25.97 -33.58 27.37
C ALA D 40 -25.84 -33.82 28.86
N PRO D 41 -26.96 -34.00 29.57
CA PRO D 41 -26.89 -34.22 31.02
C PRO D 41 -26.00 -35.41 31.37
N GLU D 42 -25.08 -35.18 32.30
CA GLU D 42 -24.12 -36.20 32.75
C GLU D 42 -23.31 -36.74 31.57
N LYS D 43 -22.97 -35.88 30.61
CA LYS D 43 -22.21 -36.26 29.44
C LYS D 43 -21.15 -35.19 29.18
N GLY D 44 -20.31 -35.44 28.18
CA GLY D 44 -19.22 -34.55 27.84
C GLY D 44 -19.62 -33.46 26.88
N LEU D 45 -18.63 -32.68 26.46
CA LEU D 45 -18.86 -31.58 25.55
C LEU D 45 -18.94 -32.07 24.12
N GLU D 46 -19.87 -31.48 23.36
CA GLU D 46 -20.08 -31.86 21.96
C GLU D 46 -20.22 -30.59 21.13
N TRP D 47 -19.32 -30.43 20.16
CA TRP D 47 -19.35 -29.27 19.27
C TRP D 47 -20.49 -29.38 18.27
N VAL D 48 -21.20 -28.28 18.04
CA VAL D 48 -22.39 -28.26 17.19
C VAL D 48 -22.13 -27.56 15.86
N ALA D 49 -21.80 -26.27 15.90
CA ALA D 49 -21.71 -25.48 14.67
C ALA D 49 -20.73 -24.35 14.89
N TYR D 50 -20.28 -23.78 13.76
CA TYR D 50 -19.28 -22.72 13.76
C TYR D 50 -19.57 -21.76 12.61
N ILE D 51 -19.60 -20.46 12.91
CA ILE D 51 -19.68 -19.42 11.89
C ILE D 51 -18.49 -18.48 12.09
N SER D 52 -17.75 -18.24 11.02
CA SER D 52 -16.53 -17.46 11.12
C SER D 52 -16.85 -15.96 11.18
N SER D 53 -15.82 -15.16 11.46
CA SER D 53 -15.98 -13.71 11.43
C SER D 53 -16.25 -13.26 10.00
N GLY D 54 -17.33 -12.50 9.83
CA GLY D 54 -17.79 -12.12 8.51
C GLY D 54 -18.74 -13.09 7.85
N SER D 55 -19.13 -14.16 8.54
CA SER D 55 -20.10 -15.15 8.05
C SER D 55 -19.65 -15.85 6.78
N GLY D 56 -18.34 -15.85 6.49
CA GLY D 56 -17.87 -16.43 5.25
C GLY D 56 -17.78 -17.93 5.24
N THR D 57 -17.56 -18.54 6.41
CA THR D 57 -17.36 -19.98 6.53
C THR D 57 -18.28 -20.52 7.62
N ILE D 58 -18.98 -21.61 7.33
CA ILE D 58 -19.89 -22.25 8.27
C ILE D 58 -19.63 -23.74 8.27
N TYR D 59 -19.53 -24.32 9.47
CA TYR D 59 -19.38 -25.75 9.65
C TYR D 59 -20.45 -26.25 10.62
N TYR D 60 -20.83 -27.51 10.46
CA TYR D 60 -21.81 -28.16 11.33
C TYR D 60 -21.31 -29.54 11.74
N ALA D 61 -21.81 -30.01 12.87
CA ALA D 61 -21.64 -31.42 13.22
C ALA D 61 -22.56 -32.27 12.36
N ASP D 62 -22.13 -33.51 12.08
CA ASP D 62 -22.93 -34.39 11.24
C ASP D 62 -24.24 -34.76 11.90
N THR D 63 -24.26 -34.87 13.23
CA THR D 63 -25.49 -35.22 13.93
C THR D 63 -26.54 -34.12 13.85
N VAL D 64 -26.14 -32.90 13.50
CA VAL D 64 -27.06 -31.77 13.44
C VAL D 64 -27.11 -31.11 12.07
N LYS D 65 -26.24 -31.49 11.15
CA LYS D 65 -26.22 -30.87 9.83
C LYS D 65 -27.52 -31.16 9.09
N GLY D 66 -28.12 -30.11 8.53
CA GLY D 66 -29.39 -30.22 7.85
C GLY D 66 -30.59 -29.84 8.68
N ARG D 67 -30.46 -29.85 10.01
CA ARG D 67 -31.54 -29.43 10.90
C ARG D 67 -31.23 -28.17 11.67
N PHE D 68 -29.97 -27.92 12.00
CA PHE D 68 -29.56 -26.72 12.73
C PHE D 68 -28.97 -25.72 11.75
N THR D 69 -29.23 -24.44 12.01
CA THR D 69 -28.66 -23.35 11.22
C THR D 69 -28.05 -22.32 12.15
N ILE D 70 -26.80 -21.98 11.93
CA ILE D 70 -26.09 -20.99 12.75
C ILE D 70 -25.98 -19.70 11.96
N SER D 71 -26.29 -18.59 12.62
CA SER D 71 -26.26 -17.28 11.99
C SER D 71 -25.90 -16.23 13.02
N ARG D 72 -25.44 -15.08 12.56
CA ARG D 72 -25.01 -14.02 13.43
C ARG D 72 -25.54 -12.68 12.93
N ASP D 73 -25.70 -11.74 13.86
CA ASP D 73 -26.13 -10.38 13.57
C ASP D 73 -25.09 -9.45 14.17
N ASP D 74 -24.10 -9.09 13.36
CA ASP D 74 -22.99 -8.27 13.84
C ASP D 74 -23.42 -6.91 14.39
N PRO D 75 -24.30 -6.15 13.73
CA PRO D 75 -24.73 -4.88 14.33
C PRO D 75 -25.37 -5.03 15.70
N LYS D 76 -26.14 -6.10 15.92
CA LYS D 76 -26.79 -6.33 17.20
C LYS D 76 -25.98 -7.24 18.13
N ASN D 77 -24.80 -7.70 17.68
CA ASN D 77 -23.91 -8.52 18.50
C ASN D 77 -24.62 -9.77 19.03
N THR D 78 -25.36 -10.45 18.15
CA THR D 78 -26.16 -11.60 18.54
C THR D 78 -25.80 -12.79 17.68
N LEU D 79 -25.74 -13.97 18.30
CA LEU D 79 -25.50 -15.23 17.61
C LEU D 79 -26.76 -16.08 17.70
N PHE D 80 -27.11 -16.73 16.60
CA PHE D 80 -28.34 -17.49 16.50
C PHE D 80 -28.06 -18.96 16.20
N LEU D 81 -28.92 -19.83 16.71
CA LEU D 81 -28.94 -21.24 16.35
C LEU D 81 -30.39 -21.65 16.17
N GLN D 82 -30.83 -21.68 14.91
CA GLN D 82 -32.17 -22.18 14.58
C GLN D 82 -32.12 -23.69 14.49
N MET D 83 -32.96 -24.35 15.27
CA MET D 83 -32.99 -25.81 15.36
C MET D 83 -34.36 -26.31 14.95
N THR D 84 -34.38 -27.38 14.15
CA THR D 84 -35.63 -27.96 13.67
C THR D 84 -35.54 -29.48 13.81
N SER D 85 -36.71 -30.12 13.85
CA SER D 85 -36.82 -31.57 13.97
C SER D 85 -36.09 -32.08 15.21
N LEU D 86 -36.32 -31.40 16.33
CA LEU D 86 -35.60 -31.71 17.56
C LEU D 86 -35.94 -33.11 18.06
N ARG D 87 -34.90 -33.87 18.39
CA ARG D 87 -35.02 -35.22 18.93
C ARG D 87 -34.57 -35.22 20.39
N SER D 88 -34.77 -36.36 21.05
CA SER D 88 -34.29 -36.50 22.42
C SER D 88 -32.77 -36.46 22.50
N GLU D 89 -32.08 -36.72 21.40
CA GLU D 89 -30.62 -36.61 21.36
C GLU D 89 -30.15 -35.17 21.47
N ASP D 90 -31.01 -34.20 21.20
CA ASP D 90 -30.65 -32.79 21.25
C ASP D 90 -30.84 -32.18 22.64
N THR D 91 -31.24 -32.97 23.63
CA THR D 91 -31.39 -32.45 24.99
C THR D 91 -30.01 -32.22 25.60
N ALA D 92 -29.63 -30.96 25.74
CA ALA D 92 -28.30 -30.62 26.21
C ALA D 92 -28.27 -29.15 26.61
N MET D 93 -27.22 -28.79 27.34
CA MET D 93 -26.91 -27.39 27.62
C MET D 93 -26.00 -26.85 26.52
N TYR D 94 -26.49 -25.86 25.79
CA TYR D 94 -25.78 -25.32 24.64
C TYR D 94 -24.99 -24.09 25.06
N TYR D 95 -23.73 -24.03 24.67
CA TYR D 95 -22.83 -22.95 25.07
C TYR D 95 -22.45 -22.09 23.88
N CYS D 96 -22.33 -20.79 24.12
CA CYS D 96 -21.87 -19.84 23.12
C CYS D 96 -20.38 -19.61 23.36
N VAL D 97 -19.56 -19.90 22.36
CA VAL D 97 -18.10 -19.86 22.49
C VAL D 97 -17.54 -18.93 21.42
N ARG D 98 -16.67 -18.02 21.85
CA ARG D 98 -15.99 -17.13 20.93
C ARG D 98 -14.59 -17.65 20.65
N SER D 99 -14.13 -17.42 19.42
CA SER D 99 -12.78 -17.84 19.04
C SER D 99 -12.32 -16.97 17.89
N ILE D 100 -11.15 -16.35 18.04
CA ILE D 100 -10.58 -15.47 17.02
C ILE D 100 -9.30 -16.13 16.52
N TYR D 101 -9.10 -16.06 15.21
CA TYR D 101 -8.04 -16.82 14.55
C TYR D 101 -7.07 -15.88 13.85
N TYR D 102 -5.89 -15.73 14.44
CA TYR D 102 -4.75 -15.11 13.79
C TYR D 102 -3.51 -15.74 14.41
N TYR D 103 -2.34 -15.35 13.90
CA TYR D 103 -1.10 -15.93 14.41
C TYR D 103 -0.92 -15.58 15.88
N GLY D 104 -0.78 -16.61 16.71
CA GLY D 104 -0.56 -16.42 18.13
C GLY D 104 -1.79 -16.17 18.97
N SER D 105 -2.99 -16.33 18.40
CA SER D 105 -4.20 -16.09 19.15
C SER D 105 -4.58 -17.32 19.98
N SER D 106 -5.57 -17.14 20.85
CA SER D 106 -6.08 -18.19 21.72
C SER D 106 -7.56 -18.39 21.44
N PRO D 107 -7.92 -19.38 20.61
CA PRO D 107 -9.33 -19.66 20.37
C PRO D 107 -9.98 -20.34 21.56
N PHE D 108 -11.31 -20.29 21.57
CA PHE D 108 -12.14 -20.90 22.61
C PHE D 108 -11.80 -20.35 24.00
N ASP D 109 -11.38 -19.08 24.05
CA ASP D 109 -10.93 -18.50 25.31
C ASP D 109 -12.10 -18.13 26.22
N PHE D 110 -13.24 -17.76 25.67
CA PHE D 110 -14.39 -17.36 26.47
C PHE D 110 -15.61 -18.18 26.10
N TRP D 111 -16.30 -18.71 27.11
CA TRP D 111 -17.50 -19.50 26.95
C TRP D 111 -18.66 -18.78 27.63
N GLY D 112 -19.87 -18.96 27.09
CA GLY D 112 -21.04 -18.41 27.70
C GLY D 112 -21.55 -19.27 28.84
N GLN D 113 -22.54 -18.74 29.56
CA GLN D 113 -23.12 -19.49 30.67
C GLN D 113 -23.99 -20.64 30.18
N GLY D 114 -24.58 -20.50 29.01
CA GLY D 114 -25.30 -21.58 28.38
C GLY D 114 -26.78 -21.61 28.75
N THR D 115 -27.58 -22.16 27.85
CA THR D 115 -29.02 -22.31 28.05
C THR D 115 -29.38 -23.77 27.85
N THR D 116 -30.30 -24.26 28.68
CA THR D 116 -30.69 -25.67 28.68
C THR D 116 -31.89 -25.87 27.78
N LEU D 117 -31.76 -26.81 26.84
CA LEU D 117 -32.85 -27.21 25.96
C LEU D 117 -33.26 -28.63 26.30
N THR D 118 -34.55 -28.82 26.57
CA THR D 118 -35.09 -30.13 26.93
C THR D 118 -36.08 -30.56 25.85
N VAL D 119 -35.96 -31.81 25.41
CA VAL D 119 -36.85 -32.39 24.40
C VAL D 119 -37.59 -33.55 25.05
N SER D 120 -38.92 -33.55 24.93
CA SER D 120 -39.74 -34.57 25.56
C SER D 120 -39.74 -35.87 24.77
N ASP D 137 -13.33 -38.08 11.47
CA ASP D 137 -13.59 -37.68 12.84
C ASP D 137 -12.51 -38.19 13.79
N ILE D 138 -11.61 -37.29 14.20
CA ILE D 138 -10.57 -37.66 15.14
C ILE D 138 -11.20 -37.96 16.49
N VAL D 139 -10.86 -39.12 17.05
CA VAL D 139 -11.40 -39.57 18.32
C VAL D 139 -10.43 -39.18 19.43
N MET D 140 -10.91 -38.43 20.41
CA MET D 140 -10.12 -38.04 21.56
C MET D 140 -10.53 -38.91 22.73
N THR D 141 -9.56 -39.62 23.32
CA THR D 141 -9.83 -40.61 24.35
C THR D 141 -9.22 -40.16 25.67
N GLN D 142 -10.04 -40.14 26.71
CA GLN D 142 -9.61 -39.88 28.08
C GLN D 142 -10.07 -41.07 28.92
N ALA D 143 -9.22 -42.11 29.00
CA ALA D 143 -9.62 -43.35 29.62
C ALA D 143 -9.93 -43.17 31.10
N THR D 144 -9.11 -42.40 31.81
CA THR D 144 -9.31 -42.21 33.24
C THR D 144 -10.46 -41.23 33.47
N SER D 145 -11.61 -41.77 33.88
CA SER D 145 -12.78 -40.92 34.08
C SER D 145 -12.66 -40.10 35.36
N SER D 146 -12.20 -40.70 36.45
CA SER D 146 -12.13 -40.03 37.73
C SER D 146 -10.76 -40.24 38.36
N VAL D 147 -10.30 -39.23 39.09
CA VAL D 147 -9.01 -39.27 39.77
C VAL D 147 -9.17 -38.74 41.19
N PRO D 148 -8.92 -39.55 42.21
CA PRO D 148 -8.93 -39.03 43.59
C PRO D 148 -7.71 -38.15 43.82
N VAL D 149 -7.94 -36.93 44.29
CA VAL D 149 -6.90 -35.92 44.43
C VAL D 149 -6.94 -35.31 45.82
N THR D 150 -5.80 -34.76 46.22
CA THR D 150 -5.64 -34.04 47.48
C THR D 150 -4.94 -32.73 47.22
N PRO D 151 -5.24 -31.69 48.00
CA PRO D 151 -4.61 -30.38 47.79
C PRO D 151 -3.10 -30.46 47.95
N GLY D 152 -2.39 -29.70 47.11
CA GLY D 152 -0.94 -29.65 47.16
C GLY D 152 -0.22 -30.79 46.48
N GLU D 153 -0.94 -31.70 45.84
CA GLU D 153 -0.34 -32.87 45.21
C GLU D 153 -0.46 -32.75 43.69
N SER D 154 0.64 -33.07 43.00
CA SER D 154 0.69 -32.94 41.55
C SER D 154 -0.19 -33.99 40.88
N VAL D 155 -0.98 -33.54 39.90
CA VAL D 155 -1.89 -34.39 39.17
C VAL D 155 -1.60 -34.27 37.68
N SER D 156 -1.59 -35.41 36.99
CA SER D 156 -1.40 -35.45 35.55
C SER D 156 -2.61 -36.11 34.90
N ILE D 157 -3.13 -35.47 33.84
CA ILE D 157 -4.28 -35.96 33.09
C ILE D 157 -3.85 -36.22 31.67
N SER D 158 -4.16 -37.41 31.15
CA SER D 158 -3.70 -37.85 29.85
C SER D 158 -4.82 -37.79 28.81
N CYS D 159 -4.44 -37.50 27.57
CA CYS D 159 -5.37 -37.45 26.46
C CYS D 159 -4.72 -38.15 25.26
N ARG D 160 -5.55 -38.83 24.47
CA ARG D 160 -5.08 -39.56 23.30
C ARG D 160 -5.95 -39.20 22.10
N SER D 161 -5.35 -39.28 20.91
CA SER D 161 -6.04 -39.01 19.67
C SER D 161 -5.75 -40.12 18.66
N SER D 162 -6.74 -40.42 17.82
CA SER D 162 -6.54 -41.42 16.77
C SER D 162 -5.55 -40.93 15.72
N LYS D 163 -5.62 -39.65 15.36
CA LYS D 163 -4.71 -39.03 14.40
C LYS D 163 -3.75 -38.11 15.13
N SER D 164 -2.57 -37.93 14.53
CA SER D 164 -1.58 -37.02 15.10
C SER D 164 -2.08 -35.58 14.95
N LEU D 165 -2.11 -34.85 16.06
CA LEU D 165 -2.56 -33.47 16.05
C LEU D 165 -1.47 -32.49 15.63
N LEU D 166 -0.24 -32.97 15.45
CA LEU D 166 0.85 -32.14 14.98
C LEU D 166 0.68 -31.86 13.50
N HIS D 167 0.71 -30.58 13.14
CA HIS D 167 0.59 -30.17 11.74
C HIS D 167 1.98 -29.88 11.16
N SER D 168 2.03 -29.78 9.83
CA SER D 168 3.28 -29.47 9.15
C SER D 168 3.78 -28.07 9.44
N ASN D 169 2.94 -27.18 9.97
CA ASN D 169 3.35 -25.83 10.33
C ASN D 169 3.99 -25.76 11.72
N GLY D 170 4.10 -26.89 12.42
CA GLY D 170 4.72 -26.95 13.72
C GLY D 170 3.76 -26.93 14.89
N ASN D 171 2.49 -26.57 14.66
CA ASN D 171 1.52 -26.48 15.74
C ASN D 171 0.93 -27.86 16.05
N THR D 172 0.61 -28.08 17.33
CA THR D 172 -0.11 -29.26 17.78
C THR D 172 -1.44 -28.76 18.34
N TYR D 173 -2.50 -28.89 17.54
CA TYR D 173 -3.79 -28.29 17.86
C TYR D 173 -4.54 -29.16 18.87
N LEU D 174 -4.15 -29.02 20.13
CA LEU D 174 -4.81 -29.67 21.25
C LEU D 174 -5.14 -28.62 22.30
N TYR D 175 -6.39 -28.64 22.79
CA TYR D 175 -6.87 -27.67 23.75
C TYR D 175 -7.34 -28.37 25.01
N TRP D 176 -7.19 -27.70 26.14
CA TRP D 176 -7.63 -28.20 27.43
C TRP D 176 -8.65 -27.24 28.01
N PHE D 177 -9.75 -27.79 28.52
CA PHE D 177 -10.81 -27.01 29.13
C PHE D 177 -11.16 -27.57 30.49
N LEU D 178 -11.37 -26.68 31.45
CA LEU D 178 -11.78 -27.06 32.80
C LEU D 178 -13.19 -26.55 33.01
N GLN D 179 -14.11 -27.46 33.33
CA GLN D 179 -15.48 -27.11 33.67
C GLN D 179 -15.69 -27.42 35.15
N ARG D 180 -15.58 -26.39 35.98
CA ARG D 180 -15.88 -26.55 37.40
C ARG D 180 -17.38 -26.79 37.58
N PRO D 181 -17.76 -27.50 38.65
CA PRO D 181 -19.18 -27.85 38.83
C PRO D 181 -20.06 -26.62 38.89
N GLY D 182 -21.08 -26.59 38.02
CA GLY D 182 -22.00 -25.47 37.93
C GLY D 182 -21.52 -24.30 37.10
N GLN D 183 -20.35 -24.39 36.49
CA GLN D 183 -19.78 -23.30 35.71
C GLN D 183 -19.57 -23.72 34.27
N SER D 184 -19.29 -22.74 33.43
CA SER D 184 -18.96 -22.97 32.03
C SER D 184 -17.53 -23.50 31.90
N PRO D 185 -17.23 -24.18 30.79
CA PRO D 185 -15.84 -24.60 30.55
C PRO D 185 -14.91 -23.39 30.46
N GLN D 186 -13.69 -23.59 30.94
CA GLN D 186 -12.68 -22.54 30.98
C GLN D 186 -11.43 -23.04 30.26
N LEU D 187 -10.94 -22.23 29.33
CA LEU D 187 -9.74 -22.61 28.59
C LEU D 187 -8.53 -22.54 29.50
N LEU D 188 -7.72 -23.60 29.47
CA LEU D 188 -6.47 -23.64 30.22
C LEU D 188 -5.25 -23.65 29.31
N ILE D 189 -5.19 -24.58 28.37
CA ILE D 189 -4.07 -24.74 27.46
C ILE D 189 -4.60 -24.72 26.04
N TYR D 190 -3.99 -23.91 25.18
CA TYR D 190 -4.34 -23.89 23.77
C TYR D 190 -3.11 -24.24 22.93
N ARG D 191 -3.33 -25.07 21.90
CA ARG D 191 -2.27 -25.61 21.06
C ARG D 191 -1.25 -26.40 21.88
N MET D 192 -1.75 -27.11 22.90
CA MET D 192 -1.08 -28.20 23.59
C MET D 192 0.05 -27.75 24.51
N SER D 193 0.48 -26.50 24.41
CA SER D 193 1.54 -26.03 25.31
C SER D 193 1.33 -24.64 25.87
N ASN D 194 0.55 -23.78 25.21
CA ASN D 194 0.45 -22.39 25.62
C ASN D 194 -0.61 -22.22 26.71
N LEU D 195 -0.27 -21.40 27.71
CA LEU D 195 -1.16 -21.16 28.84
C LEU D 195 -2.09 -20.00 28.52
N ALA D 196 -3.39 -20.23 28.73
CA ALA D 196 -4.38 -19.19 28.47
C ALA D 196 -4.22 -18.03 29.46
N SER D 197 -4.67 -16.86 29.03
CA SER D 197 -4.58 -15.67 29.87
C SER D 197 -5.45 -15.82 31.11
N GLY D 198 -4.91 -15.42 32.25
CA GLY D 198 -5.63 -15.52 33.51
C GLY D 198 -5.58 -16.86 34.18
N VAL D 199 -4.85 -17.82 33.63
CA VAL D 199 -4.75 -19.17 34.18
C VAL D 199 -3.46 -19.26 34.98
N PRO D 200 -3.47 -19.83 36.18
CA PRO D 200 -2.24 -19.92 36.96
C PRO D 200 -1.16 -20.73 36.26
N ASP D 201 0.09 -20.36 36.51
CA ASP D 201 1.23 -21.02 35.89
C ASP D 201 1.41 -22.47 36.33
N ARG D 202 0.70 -22.90 37.38
CA ARG D 202 0.81 -24.28 37.83
C ARG D 202 0.26 -25.26 36.80
N PHE D 203 -0.66 -24.80 35.95
CA PHE D 203 -1.13 -25.62 34.84
C PHE D 203 -0.10 -25.63 33.73
N SER D 204 0.18 -26.82 33.20
CA SER D 204 1.14 -26.97 32.11
C SER D 204 0.68 -28.08 31.17
N GLY D 205 0.85 -27.86 29.88
CA GLY D 205 0.45 -28.80 28.86
C GLY D 205 1.66 -29.32 28.10
N SER D 206 1.81 -30.64 28.08
CA SER D 206 2.92 -31.31 27.42
C SER D 206 2.41 -32.52 26.65
N GLY D 207 3.03 -32.80 25.52
CA GLY D 207 2.64 -33.95 24.72
C GLY D 207 3.48 -34.06 23.48
N SER D 208 3.19 -35.09 22.70
CA SER D 208 3.91 -35.33 21.45
C SER D 208 3.08 -36.31 20.61
N GLY D 209 2.83 -35.94 19.35
CA GLY D 209 2.12 -36.82 18.46
C GLY D 209 0.66 -37.01 18.79
N THR D 210 0.30 -38.21 19.27
CA THR D 210 -1.08 -38.55 19.58
C THR D 210 -1.37 -38.64 21.06
N ALA D 211 -0.38 -38.52 21.93
CA ALA D 211 -0.55 -38.62 23.36
C ALA D 211 -0.18 -37.30 24.02
N PHE D 212 -1.02 -36.83 24.94
CA PHE D 212 -0.84 -35.55 25.58
C PHE D 212 -1.12 -35.66 27.08
N THR D 213 -0.48 -34.80 27.85
CA THR D 213 -0.61 -34.80 29.30
C THR D 213 -0.77 -33.38 29.81
N LEU D 214 -1.71 -33.18 30.72
CA LEU D 214 -1.90 -31.92 31.42
C LEU D 214 -1.44 -32.11 32.86
N THR D 215 -0.46 -31.31 33.27
CA THR D 215 0.12 -31.41 34.61
C THR D 215 -0.35 -30.26 35.47
N ILE D 216 -0.83 -30.56 36.67
CA ILE D 216 -1.32 -29.56 37.62
C ILE D 216 -0.46 -29.68 38.87
N SER D 217 0.51 -28.78 39.01
CA SER D 217 1.37 -28.78 40.19
C SER D 217 0.71 -27.98 41.32
N ARG D 218 0.87 -28.46 42.55
CA ARG D 218 0.31 -27.83 43.75
C ARG D 218 -1.20 -27.63 43.59
N LEU D 219 -1.90 -28.75 43.50
CA LEU D 219 -3.34 -28.72 43.26
C LEU D 219 -4.07 -27.99 44.39
N GLU D 220 -5.08 -27.20 44.01
CA GLU D 220 -5.88 -26.43 44.95
C GLU D 220 -7.34 -26.85 44.83
N ALA D 221 -8.19 -26.22 45.65
CA ALA D 221 -9.60 -26.56 45.66
C ALA D 221 -10.29 -26.13 44.37
N GLU D 222 -9.91 -24.97 43.82
CA GLU D 222 -10.56 -24.47 42.62
C GLU D 222 -10.27 -25.34 41.41
N ASP D 223 -9.19 -26.13 41.45
CA ASP D 223 -8.85 -27.00 40.35
C ASP D 223 -9.78 -28.21 40.24
N VAL D 224 -10.65 -28.43 41.22
CA VAL D 224 -11.58 -29.56 41.17
C VAL D 224 -12.58 -29.35 40.06
N GLY D 225 -12.74 -30.35 39.21
CA GLY D 225 -13.68 -30.28 38.12
C GLY D 225 -13.37 -31.35 37.09
N VAL D 226 -14.02 -31.22 35.94
CA VAL D 226 -13.85 -32.14 34.82
C VAL D 226 -13.00 -31.47 33.75
N TYR D 227 -11.96 -32.16 33.30
CA TYR D 227 -11.03 -31.64 32.32
C TYR D 227 -11.27 -32.32 30.97
N TYR D 228 -11.45 -31.51 29.94
CA TYR D 228 -11.70 -31.99 28.59
C TYR D 228 -10.53 -31.62 27.70
N CYS D 229 -10.18 -32.51 26.78
CA CYS D 229 -9.23 -32.20 25.72
C CYS D 229 -9.96 -32.16 24.39
N MET D 230 -9.75 -31.07 23.65
CA MET D 230 -10.34 -30.87 22.33
C MET D 230 -9.24 -30.74 21.31
N GLN D 231 -9.50 -31.20 20.09
CA GLN D 231 -8.59 -31.03 18.97
C GLN D 231 -9.15 -29.99 18.02
N HIS D 232 -8.25 -29.16 17.47
CA HIS D 232 -8.63 -28.18 16.47
C HIS D 232 -7.88 -28.38 15.16
N LEU D 233 -7.39 -29.60 14.93
CA LEU D 233 -6.65 -29.88 13.70
C LEU D 233 -7.57 -29.77 12.48
N GLU D 234 -8.79 -30.26 12.58
CA GLU D 234 -9.72 -30.24 11.46
C GLU D 234 -11.14 -30.39 11.99
N TYR D 235 -12.10 -30.03 11.15
CA TYR D 235 -13.49 -30.18 11.58
C TYR D 235 -14.01 -31.56 11.20
N PRO D 236 -14.96 -32.12 11.97
CA PRO D 236 -15.62 -31.55 13.16
C PRO D 236 -14.72 -31.55 14.39
N LEU D 237 -14.83 -30.51 15.22
CA LEU D 237 -14.04 -30.47 16.45
C LEU D 237 -14.61 -31.47 17.44
N THR D 238 -13.73 -32.27 18.04
CA THR D 238 -14.13 -33.36 18.92
C THR D 238 -13.49 -33.20 20.29
N PHE D 239 -14.23 -33.58 21.32
CA PHE D 239 -13.77 -33.52 22.70
C PHE D 239 -13.49 -34.91 23.22
N GLY D 240 -12.67 -34.98 24.26
CA GLY D 240 -12.50 -36.21 25.00
C GLY D 240 -13.68 -36.48 25.91
N ALA D 241 -13.66 -37.67 26.52
CA ALA D 241 -14.75 -38.04 27.42
C ALA D 241 -14.80 -37.11 28.64
N GLY D 242 -13.65 -36.76 29.18
CA GLY D 242 -13.58 -35.88 30.33
C GLY D 242 -13.06 -36.62 31.55
N THR D 243 -12.03 -36.04 32.18
CA THR D 243 -11.43 -36.60 33.39
C THR D 243 -11.85 -35.73 34.57
N LYS D 244 -12.52 -36.35 35.54
CA LYS D 244 -13.06 -35.64 36.68
C LYS D 244 -12.13 -35.78 37.88
N LEU D 245 -11.84 -34.66 38.54
CA LEU D 245 -11.04 -34.64 39.75
C LEU D 245 -11.96 -34.42 40.94
N GLU D 246 -11.88 -35.31 41.93
CA GLU D 246 -12.70 -35.22 43.12
C GLU D 246 -11.84 -35.41 44.36
N LEU D 247 -12.23 -34.75 45.44
CA LEU D 247 -11.49 -34.82 46.69
C LEU D 247 -11.92 -36.04 47.51
N TYR E 160 2.33 -8.63 -59.95
CA TYR E 160 2.51 -7.64 -58.88
C TYR E 160 1.33 -7.67 -57.92
N ILE E 161 0.14 -8.02 -58.44
CA ILE E 161 -1.05 -8.08 -57.62
C ILE E 161 -0.93 -9.19 -56.59
N ASN E 162 -0.30 -10.30 -56.97
CA ASN E 162 -0.14 -11.44 -56.08
C ASN E 162 0.90 -11.21 -54.99
N ILE E 163 1.66 -10.11 -55.06
CA ILE E 163 2.68 -9.83 -54.06
C ILE E 163 2.32 -8.58 -53.28
N ILE E 164 1.59 -7.66 -53.92
CA ILE E 164 1.21 -6.42 -53.25
C ILE E 164 0.20 -6.69 -52.15
N MET E 165 -0.83 -7.48 -52.44
CA MET E 165 -1.86 -7.76 -51.45
C MET E 165 -1.34 -8.50 -50.22
N PRO E 166 -0.58 -9.60 -50.35
CA PRO E 166 -0.05 -10.25 -49.13
C PRO E 166 0.86 -9.35 -48.32
N SER E 167 1.58 -8.43 -48.97
CA SER E 167 2.48 -7.55 -48.24
C SER E 167 1.71 -6.61 -47.32
N VAL E 168 0.56 -6.11 -47.77
CA VAL E 168 -0.23 -5.20 -46.95
C VAL E 168 -0.71 -5.92 -45.69
N PHE E 169 -1.26 -7.13 -45.85
CA PHE E 169 -1.72 -7.88 -44.69
C PHE E 169 -0.57 -8.32 -43.80
N GLY E 170 0.55 -8.70 -44.41
CA GLY E 170 1.72 -9.11 -43.62
C GLY E 170 2.29 -7.97 -42.79
N THR E 171 2.35 -6.77 -43.38
CA THR E 171 2.85 -5.62 -42.64
C THR E 171 1.89 -5.21 -41.53
N ILE E 172 0.59 -5.18 -41.82
CA ILE E 172 -0.39 -4.76 -40.83
C ILE E 172 -0.43 -5.74 -39.65
N CYS E 173 -0.41 -7.05 -39.95
CA CYS E 173 -0.48 -8.04 -38.89
C CYS E 173 0.73 -7.99 -37.97
N LEU E 174 1.93 -7.87 -38.55
CA LEU E 174 3.14 -7.85 -37.74
C LEU E 174 3.25 -6.56 -36.95
N LEU E 175 3.02 -5.42 -37.60
CA LEU E 175 3.13 -4.13 -36.91
C LEU E 175 2.04 -3.98 -35.85
N GLY E 176 0.84 -4.47 -36.13
CA GLY E 176 -0.22 -4.43 -35.14
C GLY E 176 0.05 -5.31 -33.94
N ILE E 177 0.67 -6.47 -34.15
CA ILE E 177 1.02 -7.35 -33.03
C ILE E 177 2.08 -6.72 -32.15
N ILE E 178 3.06 -6.05 -32.76
CA ILE E 178 4.10 -5.37 -31.99
C ILE E 178 3.49 -4.26 -31.14
N GLY E 179 2.61 -3.45 -31.74
CA GLY E 179 2.02 -2.34 -31.01
C GLY E 179 1.12 -2.79 -29.87
N ASN E 180 0.31 -3.82 -30.10
CA ASN E 180 -0.60 -4.29 -29.06
C ASN E 180 0.16 -4.99 -27.93
N SER E 181 1.23 -5.71 -28.27
CA SER E 181 2.03 -6.36 -27.23
C SER E 181 2.72 -5.33 -26.33
N THR E 182 3.14 -4.20 -26.90
CA THR E 182 3.77 -3.16 -26.09
C THR E 182 2.80 -2.60 -25.06
N VAL E 183 1.55 -2.36 -25.46
CA VAL E 183 0.57 -1.81 -24.53
C VAL E 183 0.22 -2.80 -23.44
N ILE E 184 0.06 -4.08 -23.81
CA ILE E 184 -0.25 -5.11 -22.80
C ILE E 184 0.90 -5.25 -21.81
N PHE E 185 2.14 -5.29 -22.32
CA PHE E 185 3.29 -5.46 -21.45
C PHE E 185 3.47 -4.29 -20.50
N ALA E 186 3.27 -3.07 -20.98
CA ALA E 186 3.46 -1.89 -20.14
C ALA E 186 2.39 -1.78 -19.07
N VAL E 187 1.14 -2.06 -19.43
CA VAL E 187 0.05 -1.97 -18.46
C VAL E 187 0.18 -3.07 -17.41
N VAL E 188 0.55 -4.29 -17.83
CA VAL E 188 0.77 -5.37 -16.88
C VAL E 188 1.92 -5.04 -15.93
N LYS E 189 3.02 -4.51 -16.47
CA LYS E 189 4.14 -4.10 -15.63
C LYS E 189 3.72 -2.98 -14.68
N LYS E 190 2.87 -2.06 -15.15
CA LYS E 190 2.37 -0.99 -14.29
C LYS E 190 1.54 -1.54 -13.15
N SER E 191 0.88 -2.69 -13.36
CA SER E 191 0.04 -3.31 -12.34
C SER E 191 0.82 -4.21 -11.40
N LYS E 192 2.14 -4.37 -11.61
CA LYS E 192 2.99 -5.20 -10.76
C LYS E 192 2.50 -6.64 -10.67
N LEU E 193 2.05 -7.18 -11.81
CA LEU E 193 1.54 -8.55 -11.90
C LEU E 193 0.39 -8.77 -10.91
N HIS E 194 -0.65 -7.96 -11.06
CA HIS E 194 -1.81 -8.02 -10.19
C HIS E 194 -2.99 -7.40 -10.92
N TRP E 195 -4.18 -7.63 -10.38
CA TRP E 195 -5.39 -7.06 -10.96
C TRP E 195 -5.31 -5.55 -10.93
N CYS E 196 -5.67 -4.92 -12.06
CA CYS E 196 -5.56 -3.47 -12.18
C CYS E 196 -6.54 -2.77 -11.25
N ASN E 197 -6.06 -1.72 -10.58
CA ASN E 197 -6.88 -0.89 -9.72
C ASN E 197 -7.28 0.42 -10.38
N ASN E 198 -7.01 0.57 -11.67
CA ASN E 198 -7.30 1.79 -12.41
C ASN E 198 -8.30 1.47 -13.51
N VAL E 199 -9.41 2.20 -13.53
CA VAL E 199 -10.45 2.03 -14.55
C VAL E 199 -9.90 2.31 -15.95
N PRO E 200 -9.16 3.41 -16.19
CA PRO E 200 -8.59 3.61 -17.52
C PRO E 200 -7.64 2.50 -17.95
N ASP E 201 -6.93 1.88 -17.01
CA ASP E 201 -6.03 0.79 -17.38
C ASP E 201 -6.78 -0.48 -17.70
N ILE E 202 -7.96 -0.67 -17.09
CA ILE E 202 -8.77 -1.86 -17.40
C ILE E 202 -9.25 -1.81 -18.85
N PHE E 203 -9.74 -0.66 -19.28
CA PHE E 203 -10.24 -0.53 -20.65
C PHE E 203 -9.12 -0.65 -21.67
N ILE E 204 -7.96 -0.05 -21.40
CA ILE E 204 -6.92 0.02 -22.42
C ILE E 204 -6.26 -1.34 -22.64
N ILE E 205 -6.14 -2.16 -21.60
CA ILE E 205 -5.51 -3.46 -21.77
C ILE E 205 -6.47 -4.47 -22.40
N ASN E 206 -7.78 -4.34 -22.15
CA ASN E 206 -8.74 -5.22 -22.80
C ASN E 206 -8.88 -4.89 -24.28
N LEU E 207 -8.81 -3.61 -24.63
CA LEU E 207 -8.86 -3.23 -26.04
C LEU E 207 -7.67 -3.79 -26.80
N SER E 208 -6.48 -3.78 -26.18
CA SER E 208 -5.30 -4.36 -26.82
C SER E 208 -5.44 -5.87 -27.00
N VAL E 209 -6.05 -6.54 -26.04
CA VAL E 209 -6.24 -8.00 -26.14
C VAL E 209 -7.14 -8.33 -27.33
N VAL E 210 -8.28 -7.65 -27.42
CA VAL E 210 -9.22 -7.93 -28.51
C VAL E 210 -8.61 -7.53 -29.85
N ASP E 211 -7.88 -6.42 -29.89
CA ASP E 211 -7.17 -6.03 -31.10
C ASP E 211 -6.13 -7.08 -31.48
N LEU E 212 -5.41 -7.62 -30.48
CA LEU E 212 -4.46 -8.70 -30.75
C LEU E 212 -5.17 -9.94 -31.26
N LEU E 213 -6.32 -10.29 -30.65
CA LEU E 213 -7.10 -11.42 -31.14
C LEU E 213 -7.60 -11.17 -32.56
N PHE E 214 -8.00 -9.93 -32.86
CA PHE E 214 -8.48 -9.61 -34.19
C PHE E 214 -7.38 -9.72 -35.23
N LEU E 215 -6.12 -9.50 -34.83
CA LEU E 215 -5.00 -9.58 -35.74
C LEU E 215 -4.37 -10.96 -35.80
N LEU E 216 -4.41 -11.72 -34.70
CA LEU E 216 -3.92 -13.10 -34.73
C LEU E 216 -4.79 -13.95 -35.65
N GLY E 217 -6.11 -13.72 -35.64
CA GLY E 217 -7.01 -14.43 -36.52
C GLY E 217 -7.13 -13.88 -37.92
N MET E 218 -6.38 -12.82 -38.24
CA MET E 218 -6.42 -12.29 -39.59
C MET E 218 -5.93 -13.28 -40.65
N PRO E 219 -4.76 -13.91 -40.52
CA PRO E 219 -4.32 -14.83 -41.58
C PRO E 219 -5.22 -16.03 -41.78
N PHE E 220 -5.96 -16.44 -40.75
CA PHE E 220 -6.88 -17.56 -40.89
C PHE E 220 -8.16 -17.20 -41.64
N MET E 221 -8.40 -15.91 -41.86
CA MET E 221 -9.58 -15.45 -42.60
C MET E 221 -9.28 -14.99 -44.01
N ILE E 222 -8.02 -14.61 -44.29
CA ILE E 222 -7.67 -14.00 -45.58
C ILE E 222 -6.93 -14.95 -46.49
N HIS E 223 -6.58 -16.16 -46.03
CA HIS E 223 -5.87 -17.10 -46.89
C HIS E 223 -6.70 -17.58 -48.06
N GLN E 224 -8.02 -17.41 -48.01
CA GLN E 224 -8.89 -17.72 -49.13
C GLN E 224 -9.06 -16.54 -50.09
N LEU E 225 -8.25 -15.48 -49.93
CA LEU E 225 -8.33 -14.31 -50.78
C LEU E 225 -7.04 -14.04 -51.54
N MET E 226 -5.92 -14.61 -51.12
CA MET E 226 -4.62 -14.30 -51.69
C MET E 226 -4.00 -15.44 -52.47
N GLY E 227 -4.39 -16.68 -52.21
CA GLY E 227 -3.80 -17.82 -52.89
C GLY E 227 -4.60 -18.24 -54.11
N ASN E 228 -5.25 -19.41 -54.01
CA ASN E 228 -6.13 -19.89 -55.07
C ASN E 228 -7.60 -19.67 -54.75
N GLY E 229 -7.90 -18.86 -53.74
CA GLY E 229 -9.28 -18.61 -53.34
C GLY E 229 -9.96 -19.85 -52.82
N VAL E 230 -9.24 -20.64 -52.02
CA VAL E 230 -9.73 -21.90 -51.51
C VAL E 230 -9.65 -21.88 -49.99
N TRP E 231 -10.72 -22.33 -49.33
CA TRP E 231 -10.74 -22.48 -47.89
C TRP E 231 -10.22 -23.88 -47.54
N HIS E 232 -9.10 -23.93 -46.82
CA HIS E 232 -8.42 -25.18 -46.52
C HIS E 232 -8.72 -25.71 -45.12
N PHE E 233 -9.56 -25.05 -44.34
CA PHE E 233 -9.80 -25.43 -42.96
C PHE E 233 -11.10 -26.20 -42.76
N GLY E 234 -11.82 -26.53 -43.83
CA GLY E 234 -13.04 -27.31 -43.70
C GLY E 234 -14.20 -26.48 -43.20
N GLU E 235 -15.36 -27.13 -43.11
CA GLU E 235 -16.57 -26.44 -42.68
C GLU E 235 -16.59 -26.18 -41.18
N THR E 236 -16.00 -27.08 -40.39
CA THR E 236 -16.03 -26.90 -38.94
C THR E 236 -15.25 -25.67 -38.51
N MET E 237 -14.07 -25.44 -39.10
CA MET E 237 -13.31 -24.25 -38.78
C MET E 237 -13.84 -23.02 -39.52
N CYS E 238 -14.59 -23.24 -40.60
CA CYS E 238 -15.17 -22.11 -41.34
C CYS E 238 -16.17 -21.35 -40.47
N THR E 239 -17.01 -22.07 -39.73
CA THR E 239 -17.97 -21.41 -38.86
C THR E 239 -17.30 -20.82 -37.63
N LEU E 240 -16.30 -21.52 -37.09
CA LEU E 240 -15.66 -21.06 -35.85
C LEU E 240 -14.82 -19.81 -36.09
N ILE E 241 -14.00 -19.82 -37.15
CA ILE E 241 -13.10 -18.70 -37.41
C ILE E 241 -13.88 -17.46 -37.85
N THR E 242 -14.90 -17.65 -38.69
CA THR E 242 -15.70 -16.51 -39.15
C THR E 242 -16.42 -15.85 -37.98
N ALA E 243 -16.93 -16.65 -37.04
CA ALA E 243 -17.51 -16.07 -35.83
C ALA E 243 -16.43 -15.48 -34.93
N MET E 244 -15.25 -16.09 -34.90
CA MET E 244 -14.12 -15.57 -34.13
C MET E 244 -13.64 -14.23 -34.65
N ASP E 245 -13.60 -14.05 -35.97
CA ASP E 245 -13.18 -12.78 -36.54
C ASP E 245 -14.27 -11.72 -36.35
N ALA E 246 -15.54 -12.11 -36.49
CA ALA E 246 -16.63 -11.16 -36.29
C ALA E 246 -16.71 -10.71 -34.84
N ASN E 247 -16.49 -11.63 -33.89
CA ASN E 247 -16.56 -11.28 -32.48
C ASN E 247 -15.46 -10.29 -32.10
N SER E 248 -14.26 -10.47 -32.64
CA SER E 248 -13.15 -9.58 -32.30
C SER E 248 -13.39 -8.16 -32.78
N GLN E 249 -13.92 -8.00 -33.99
CA GLN E 249 -14.16 -6.66 -34.52
C GLN E 249 -15.22 -5.93 -33.70
N PHE E 250 -16.31 -6.61 -33.34
CA PHE E 250 -17.36 -5.98 -32.56
C PHE E 250 -16.91 -5.67 -31.15
N THR E 251 -16.19 -6.59 -30.52
CA THR E 251 -15.74 -6.36 -29.14
C THR E 251 -14.78 -5.19 -29.07
N SER E 252 -13.85 -5.09 -30.02
CA SER E 252 -12.92 -3.97 -30.03
C SER E 252 -13.65 -2.65 -30.23
N THR E 253 -14.66 -2.64 -31.10
CA THR E 253 -15.46 -1.44 -31.30
C THR E 253 -16.26 -1.09 -30.04
N TYR E 254 -16.83 -2.09 -29.38
CA TYR E 254 -17.61 -1.83 -28.17
C TYR E 254 -16.72 -1.36 -27.03
N ILE E 255 -15.52 -1.94 -26.89
CA ILE E 255 -14.59 -1.47 -25.87
C ILE E 255 -14.12 -0.07 -26.19
N LEU E 256 -13.92 0.24 -27.48
CA LEU E 256 -13.54 1.59 -27.88
C LEU E 256 -14.64 2.59 -27.54
N THR E 257 -15.89 2.22 -27.78
CA THR E 257 -17.01 3.10 -27.44
C THR E 257 -17.15 3.25 -25.92
N ALA E 258 -16.98 2.15 -25.19
CA ALA E 258 -17.05 2.22 -23.73
C ALA E 258 -15.91 3.04 -23.14
N MET E 259 -14.72 2.94 -23.74
CA MET E 259 -13.57 3.73 -23.30
C MET E 259 -13.77 5.21 -23.53
N ALA E 260 -14.42 5.60 -24.63
CA ALA E 260 -14.73 7.00 -24.88
C ALA E 260 -15.84 7.53 -23.98
N ILE E 261 -16.82 6.69 -23.62
CA ILE E 261 -17.82 7.10 -22.66
C ILE E 261 -17.22 7.24 -21.27
N ASP E 262 -16.29 6.36 -20.92
CA ASP E 262 -15.61 6.45 -19.63
C ASP E 262 -14.82 7.75 -19.52
N ARG E 263 -14.15 8.15 -20.61
CA ARG E 263 -13.43 9.41 -20.60
C ARG E 263 -14.37 10.60 -20.53
N TYR E 264 -15.56 10.49 -21.11
CA TYR E 264 -16.55 11.55 -21.00
C TYR E 264 -16.99 11.74 -19.55
N LEU E 265 -17.22 10.65 -18.83
CA LEU E 265 -17.67 10.75 -17.44
C LEU E 265 -16.59 11.34 -16.55
N ALA E 266 -15.33 10.97 -16.78
CA ALA E 266 -14.23 11.47 -15.96
C ALA E 266 -13.92 12.94 -16.21
N THR E 267 -14.49 13.55 -17.24
CA THR E 267 -14.21 14.93 -17.60
C THR E 267 -15.40 15.85 -17.40
N VAL E 268 -16.58 15.45 -17.90
CA VAL E 268 -17.76 16.29 -17.77
C VAL E 268 -18.42 16.10 -16.42
N HIS E 269 -18.22 14.96 -15.78
CA HIS E 269 -18.76 14.68 -14.45
C HIS E 269 -17.63 14.22 -13.54
N PRO E 270 -16.70 15.12 -13.21
CA PRO E 270 -15.53 14.70 -12.42
C PRO E 270 -15.87 14.32 -10.99
N ILE E 271 -17.00 14.77 -10.47
CA ILE E 271 -17.36 14.54 -9.08
C ILE E 271 -18.36 13.41 -8.93
N SER E 272 -19.44 13.44 -9.71
CA SER E 272 -20.51 12.46 -9.59
C SER E 272 -20.12 11.09 -10.14
N SER E 273 -19.14 11.02 -11.04
CA SER E 273 -18.76 9.75 -11.65
C SER E 273 -17.84 8.92 -10.78
N THR E 274 -17.26 9.50 -9.72
CA THR E 274 -16.38 8.73 -8.84
C THR E 274 -17.15 7.68 -8.05
N LYS E 275 -18.48 7.78 -7.99
CA LYS E 275 -19.27 6.79 -7.26
C LYS E 275 -19.30 5.44 -7.99
N PHE E 276 -19.29 5.45 -9.32
CA PHE E 276 -19.44 4.23 -10.08
C PHE E 276 -18.31 3.96 -11.07
N ARG E 277 -17.28 4.81 -11.09
CA ARG E 277 -16.10 4.53 -11.91
C ARG E 277 -15.06 3.79 -11.07
N LYS E 278 -15.43 2.57 -10.68
CA LYS E 278 -14.66 1.65 -9.87
C LYS E 278 -14.07 0.54 -10.72
N PRO E 279 -12.93 -0.02 -10.30
CA PRO E 279 -12.36 -1.15 -11.07
C PRO E 279 -13.28 -2.35 -11.15
N SER E 280 -14.12 -2.58 -10.14
CA SER E 280 -15.07 -3.69 -10.21
C SER E 280 -16.13 -3.44 -11.28
N VAL E 281 -16.66 -2.21 -11.34
CA VAL E 281 -17.66 -1.89 -12.35
C VAL E 281 -17.07 -1.93 -13.75
N ALA E 282 -15.82 -1.50 -13.89
CA ALA E 282 -15.16 -1.54 -15.19
C ALA E 282 -15.03 -2.97 -15.70
N THR E 283 -14.66 -3.90 -14.83
CA THR E 283 -14.57 -5.30 -15.24
C THR E 283 -15.93 -5.86 -15.60
N LEU E 284 -16.97 -5.48 -14.84
CA LEU E 284 -18.31 -5.93 -15.17
C LEU E 284 -18.77 -5.42 -16.53
N VAL E 285 -18.47 -4.15 -16.84
CA VAL E 285 -18.85 -3.59 -18.13
C VAL E 285 -18.11 -4.28 -19.26
N ILE E 286 -16.81 -4.51 -19.10
CA ILE E 286 -16.02 -5.12 -20.16
C ILE E 286 -16.46 -6.55 -20.41
N CYS E 287 -16.76 -7.31 -19.34
CA CYS E 287 -17.31 -8.64 -19.52
C CYS E 287 -18.67 -8.60 -20.19
N LEU E 288 -19.48 -7.58 -19.90
CA LEU E 288 -20.77 -7.44 -20.56
C LEU E 288 -20.61 -7.07 -22.04
N LEU E 289 -19.50 -6.40 -22.39
CA LEU E 289 -19.25 -6.08 -23.79
C LEU E 289 -19.00 -7.34 -24.60
N TRP E 290 -18.30 -8.32 -24.03
CA TRP E 290 -18.13 -9.60 -24.69
C TRP E 290 -19.47 -10.31 -24.88
N ALA E 291 -20.35 -10.22 -23.88
CA ALA E 291 -21.67 -10.84 -23.99
C ALA E 291 -22.48 -10.22 -25.11
N LEU E 292 -22.46 -8.89 -25.22
CA LEU E 292 -23.19 -8.23 -26.30
C LEU E 292 -22.56 -8.50 -27.66
N SER E 293 -21.25 -8.78 -27.68
CA SER E 293 -20.58 -9.09 -28.95
C SER E 293 -20.98 -10.47 -29.45
N PHE E 294 -21.12 -11.44 -28.55
CA PHE E 294 -21.55 -12.78 -28.95
C PHE E 294 -22.95 -12.75 -29.56
N ILE E 295 -23.84 -11.96 -28.98
CA ILE E 295 -25.19 -11.85 -29.51
C ILE E 295 -25.18 -11.19 -30.89
N SER E 296 -24.37 -10.14 -31.06
CA SER E 296 -24.34 -9.40 -32.31
C SER E 296 -23.75 -10.19 -33.47
N ILE E 297 -22.98 -11.24 -33.20
CA ILE E 297 -22.41 -12.08 -34.24
C ILE E 297 -23.23 -13.35 -34.46
N THR E 298 -24.43 -13.43 -33.89
CA THR E 298 -25.25 -14.62 -34.04
C THR E 298 -25.58 -14.93 -35.51
N PRO E 299 -26.02 -13.98 -36.33
CA PRO E 299 -26.25 -14.31 -37.75
C PRO E 299 -24.98 -14.71 -38.49
N VAL E 300 -23.80 -14.32 -37.99
CA VAL E 300 -22.56 -14.65 -38.68
C VAL E 300 -22.25 -16.13 -38.60
N TRP E 301 -22.40 -16.72 -37.40
CA TRP E 301 -22.07 -18.12 -37.23
C TRP E 301 -23.23 -19.06 -37.52
N LEU E 302 -24.47 -18.55 -37.57
CA LEU E 302 -25.60 -19.39 -37.96
C LEU E 302 -25.60 -19.69 -39.44
N TYR E 303 -24.93 -18.86 -40.26
CA TYR E 303 -24.97 -19.00 -41.71
C TYR E 303 -23.58 -19.13 -42.32
N ALA E 304 -22.55 -19.35 -41.51
CA ALA E 304 -21.19 -19.52 -42.01
C ALA E 304 -21.04 -20.94 -42.55
N ARG E 305 -21.19 -21.10 -43.86
CA ARG E 305 -21.13 -22.39 -44.51
C ARG E 305 -20.23 -22.32 -45.73
N LEU E 306 -19.68 -23.47 -46.12
CA LEU E 306 -18.86 -23.53 -47.31
C LEU E 306 -19.69 -23.24 -48.55
N ILE E 307 -19.10 -22.48 -49.46
CA ILE E 307 -19.78 -22.03 -50.68
C ILE E 307 -19.09 -22.67 -51.88
N PRO E 308 -19.79 -23.49 -52.66
CA PRO E 308 -19.17 -24.14 -53.82
C PRO E 308 -19.03 -23.17 -54.99
N PHE E 309 -17.80 -22.74 -55.25
CA PHE E 309 -17.50 -21.92 -56.40
C PHE E 309 -17.44 -22.77 -57.66
N PRO E 310 -17.56 -22.14 -58.84
CA PRO E 310 -17.36 -22.90 -60.09
C PRO E 310 -15.98 -23.54 -60.11
N GLY E 311 -15.93 -24.79 -60.59
CA GLY E 311 -14.71 -25.57 -60.54
C GLY E 311 -14.65 -26.42 -59.29
N GLY E 312 -13.44 -26.85 -58.96
CA GLY E 312 -13.19 -27.69 -57.81
C GLY E 312 -12.85 -26.96 -56.53
N ALA E 313 -12.99 -25.64 -56.49
CA ALA E 313 -12.62 -24.84 -55.33
C ALA E 313 -13.85 -24.41 -54.56
N VAL E 314 -13.73 -24.41 -53.23
CA VAL E 314 -14.78 -23.94 -52.33
C VAL E 314 -14.18 -22.93 -51.36
N GLY E 315 -15.04 -22.14 -50.76
CA GLY E 315 -14.60 -21.11 -49.83
C GLY E 315 -15.60 -20.90 -48.72
N CYS E 316 -15.09 -20.45 -47.58
CA CYS E 316 -15.94 -20.13 -46.43
C CYS E 316 -16.71 -18.86 -46.70
N GLY E 317 -17.98 -18.86 -46.35
CA GLY E 317 -18.81 -17.70 -46.59
C GLY E 317 -20.11 -17.76 -45.83
N ILE E 318 -20.96 -16.77 -46.10
CA ILE E 318 -22.26 -16.63 -45.45
C ILE E 318 -23.34 -17.00 -46.48
N ARG E 319 -24.13 -18.01 -46.15
CA ARG E 319 -25.23 -18.47 -47.02
C ARG E 319 -26.54 -18.16 -46.31
N LEU E 320 -27.11 -16.99 -46.62
CA LEU E 320 -28.37 -16.60 -46.02
C LEU E 320 -29.51 -17.46 -46.55
N PRO E 321 -30.51 -17.75 -45.72
CA PRO E 321 -31.66 -18.53 -46.21
C PRO E 321 -32.41 -17.86 -47.35
N ASN E 322 -32.47 -16.53 -47.37
CA ASN E 322 -33.14 -15.77 -48.43
C ASN E 322 -32.17 -14.72 -48.94
N PRO E 323 -31.18 -15.10 -49.74
CA PRO E 323 -30.16 -14.13 -50.18
C PRO E 323 -30.73 -12.96 -50.96
N ASP E 324 -31.88 -13.15 -51.62
CA ASP E 324 -32.49 -12.04 -52.36
C ASP E 324 -32.99 -10.95 -51.42
N THR E 325 -33.55 -11.33 -50.27
CA THR E 325 -34.15 -10.38 -49.35
C THR E 325 -33.40 -10.23 -48.03
N ASP E 326 -32.77 -11.28 -47.53
CA ASP E 326 -32.08 -11.20 -46.26
C ASP E 326 -30.74 -10.49 -46.34
N LEU E 327 -30.27 -10.15 -47.54
CA LEU E 327 -28.99 -9.48 -47.69
C LEU E 327 -29.01 -8.07 -47.13
N TYR E 328 -30.18 -7.44 -47.03
CA TYR E 328 -30.27 -6.05 -46.61
C TYR E 328 -30.15 -5.91 -45.09
N TRP E 329 -30.94 -6.67 -44.33
CA TRP E 329 -30.89 -6.55 -42.88
C TRP E 329 -29.55 -7.02 -42.33
N PHE E 330 -28.92 -7.99 -42.99
CA PHE E 330 -27.61 -8.46 -42.53
C PHE E 330 -26.56 -7.36 -42.64
N THR E 331 -26.58 -6.60 -43.74
CA THR E 331 -25.61 -5.52 -43.89
C THR E 331 -25.94 -4.34 -42.97
N LEU E 332 -27.22 -3.96 -42.89
CA LEU E 332 -27.58 -2.76 -42.13
C LEU E 332 -27.38 -2.96 -40.64
N TYR E 333 -27.67 -4.15 -40.11
CA TYR E 333 -27.49 -4.39 -38.68
C TYR E 333 -26.02 -4.39 -38.29
N GLN E 334 -25.15 -4.91 -39.16
CA GLN E 334 -23.72 -4.84 -38.90
C GLN E 334 -23.18 -3.43 -39.13
N PHE E 335 -23.73 -2.71 -40.11
CA PHE E 335 -23.35 -1.33 -40.34
C PHE E 335 -23.73 -0.45 -39.15
N PHE E 336 -24.92 -0.66 -38.59
CA PHE E 336 -25.39 0.17 -37.50
C PHE E 336 -24.63 -0.11 -36.21
N LEU E 337 -24.46 -1.39 -35.86
CA LEU E 337 -23.88 -1.75 -34.57
C LEU E 337 -22.38 -1.52 -34.53
N ALA E 338 -21.69 -1.63 -35.66
CA ALA E 338 -20.24 -1.57 -35.68
C ALA E 338 -19.67 -0.30 -36.27
N PHE E 339 -20.42 0.42 -37.11
CA PHE E 339 -19.94 1.68 -37.67
C PHE E 339 -20.81 2.87 -37.30
N ALA E 340 -22.12 2.80 -37.52
CA ALA E 340 -22.97 3.97 -37.39
C ALA E 340 -23.11 4.40 -35.93
N LEU E 341 -23.66 3.53 -35.10
CA LEU E 341 -23.90 3.89 -33.69
C LEU E 341 -22.60 4.19 -32.93
N PRO E 342 -21.57 3.33 -32.95
CA PRO E 342 -20.37 3.64 -32.15
C PRO E 342 -19.67 4.92 -32.57
N PHE E 343 -19.65 5.24 -33.87
CA PHE E 343 -18.96 6.45 -34.31
C PHE E 343 -19.67 7.70 -33.81
N VAL E 344 -21.01 7.70 -33.81
CA VAL E 344 -21.76 8.83 -33.30
C VAL E 344 -21.49 9.03 -31.82
N VAL E 345 -21.50 7.94 -31.04
CA VAL E 345 -21.23 8.03 -29.61
C VAL E 345 -19.81 8.49 -29.34
N ILE E 346 -18.84 7.91 -30.07
CA ILE E 346 -17.44 8.29 -29.86
C ILE E 346 -17.22 9.75 -30.24
N THR E 347 -17.75 10.17 -31.39
CA THR E 347 -17.58 11.55 -31.81
C THR E 347 -18.27 12.52 -30.86
N ALA E 348 -19.48 12.17 -30.41
CA ALA E 348 -20.20 13.02 -29.46
C ALA E 348 -19.46 13.09 -28.13
N ALA E 349 -18.86 11.99 -27.70
CA ALA E 349 -18.16 11.97 -26.42
C ALA E 349 -16.98 12.94 -26.42
N TYR E 350 -16.21 12.97 -27.50
CA TYR E 350 -14.99 13.77 -27.53
C TYR E 350 -15.25 15.24 -27.80
N VAL E 351 -16.29 15.58 -28.56
CA VAL E 351 -16.61 16.99 -28.74
C VAL E 351 -17.11 17.60 -27.44
N ARG E 352 -17.84 16.83 -26.63
CA ARG E 352 -18.22 17.29 -25.31
C ARG E 352 -17.03 17.40 -24.37
N ILE E 353 -16.05 16.51 -24.53
CA ILE E 353 -14.83 16.62 -23.74
C ILE E 353 -14.08 17.90 -24.08
N LEU E 354 -13.95 18.21 -25.38
CA LEU E 354 -13.23 19.41 -25.78
C LEU E 354 -13.97 20.67 -25.34
N GLN E 355 -15.29 20.60 -25.20
CA GLN E 355 -16.06 21.75 -24.72
C GLN E 355 -16.09 21.85 -23.20
N ARG E 356 -15.63 20.82 -22.48
CA ARG E 356 -15.71 20.80 -21.02
C ARG E 356 -14.46 20.23 -20.39
N MET E 357 -13.30 20.38 -21.05
CA MET E 357 -12.05 19.85 -20.54
C MET E 357 -11.37 20.77 -19.54
N THR E 358 -11.89 21.98 -19.34
CA THR E 358 -11.33 22.93 -18.40
C THR E 358 -12.44 23.50 -17.54
N SER E 359 -12.09 23.92 -16.33
CA SER E 359 -13.05 24.55 -15.44
C SER E 359 -13.26 26.01 -15.85
N SER E 360 -14.23 26.66 -15.20
CA SER E 360 -14.54 28.05 -15.54
C SER E 360 -13.40 28.98 -15.15
N VAL E 361 -12.68 28.66 -14.07
CA VAL E 361 -11.65 29.56 -13.55
C VAL E 361 -10.25 29.19 -14.04
N ALA E 362 -10.13 28.22 -14.94
CA ALA E 362 -8.82 27.81 -15.43
C ALA E 362 -8.13 28.98 -16.14
N PRO E 363 -6.86 29.25 -15.86
CA PRO E 363 -6.18 30.38 -16.50
C PRO E 363 -5.82 30.11 -17.94
N ALA E 364 -6.78 30.33 -18.85
CA ALA E 364 -6.57 30.03 -20.26
C ALA E 364 -5.40 30.81 -20.84
N SER E 365 -5.10 32.00 -20.30
CA SER E 365 -3.95 32.75 -20.77
C SER E 365 -2.63 32.08 -20.44
N GLN E 366 -2.61 31.20 -19.44
CA GLN E 366 -1.40 30.49 -19.06
C GLN E 366 -1.07 29.42 -20.10
N ARG E 367 0.23 29.16 -20.26
CA ARG E 367 0.69 28.21 -21.26
C ARG E 367 0.29 26.77 -20.95
N SER E 368 0.12 26.43 -19.67
CA SER E 368 -0.28 25.07 -19.31
C SER E 368 -1.67 24.73 -19.81
N ILE E 369 -2.61 25.68 -19.71
CA ILE E 369 -3.97 25.43 -20.19
C ILE E 369 -3.98 25.36 -21.72
N ARG E 370 -3.22 26.22 -22.38
CA ARG E 370 -3.14 26.17 -23.83
C ARG E 370 -2.49 24.87 -24.31
N LEU E 371 -1.46 24.42 -23.60
CA LEU E 371 -0.81 23.15 -23.96
C LEU E 371 -1.72 21.97 -23.69
N ARG E 372 -2.52 22.03 -22.62
CA ARG E 372 -3.47 20.96 -22.33
C ARG E 372 -4.54 20.87 -23.41
N THR E 373 -5.08 22.01 -23.82
CA THR E 373 -6.13 22.01 -24.84
C THR E 373 -5.60 21.49 -26.17
N LYS E 374 -4.39 21.89 -26.54
CA LYS E 374 -3.83 21.45 -27.82
C LYS E 374 -3.59 19.95 -27.85
N ARG E 375 -3.06 19.39 -26.75
CA ARG E 375 -2.74 17.97 -26.74
C ARG E 375 -3.98 17.10 -26.70
N VAL E 376 -4.98 17.49 -25.91
CA VAL E 376 -6.22 16.72 -25.86
C VAL E 376 -6.98 16.82 -27.18
N THR E 377 -6.95 18.00 -27.82
CA THR E 377 -7.69 18.18 -29.06
C THR E 377 -7.18 17.23 -30.15
N ARG E 378 -5.87 17.12 -30.30
CA ARG E 378 -5.32 16.26 -31.34
C ARG E 378 -5.44 14.77 -31.00
N THR E 379 -5.57 14.43 -29.71
CA THR E 379 -5.83 13.05 -29.34
C THR E 379 -7.28 12.66 -29.63
N ALA E 380 -8.21 13.56 -29.37
CA ALA E 380 -9.61 13.29 -29.68
C ALA E 380 -9.85 13.22 -31.19
N ILE E 381 -9.13 14.04 -31.96
CA ILE E 381 -9.24 13.97 -33.42
C ILE E 381 -8.66 12.67 -33.95
N ALA E 382 -7.50 12.26 -33.43
CA ALA E 382 -6.85 11.06 -33.92
C ALA E 382 -7.69 9.81 -33.67
N ILE E 383 -8.33 9.73 -32.50
CA ILE E 383 -9.16 8.58 -32.18
C ILE E 383 -10.35 8.51 -33.13
N CYS E 384 -11.02 9.63 -33.34
CA CYS E 384 -12.18 9.63 -34.22
C CYS E 384 -11.79 9.45 -35.69
N LEU E 385 -10.63 9.98 -36.08
CA LEU E 385 -10.22 9.89 -37.47
C LEU E 385 -9.73 8.49 -37.83
N VAL E 386 -9.00 7.83 -36.93
CA VAL E 386 -8.54 6.47 -37.19
C VAL E 386 -9.73 5.53 -37.33
N PHE E 387 -10.72 5.66 -36.45
CA PHE E 387 -11.88 4.78 -36.53
C PHE E 387 -12.64 4.99 -37.83
N PHE E 388 -12.82 6.25 -38.24
CA PHE E 388 -13.57 6.54 -39.47
C PHE E 388 -12.81 6.06 -40.71
N VAL E 389 -11.52 6.42 -40.81
CA VAL E 389 -10.76 6.11 -42.01
C VAL E 389 -10.63 4.61 -42.19
N CYS E 390 -10.45 3.87 -41.09
CA CYS E 390 -10.25 2.43 -41.17
C CYS E 390 -11.55 1.64 -41.33
N TRP E 391 -12.71 2.26 -41.12
CA TRP E 391 -13.97 1.55 -41.20
C TRP E 391 -15.00 2.16 -42.14
N ALA E 392 -14.87 3.43 -42.54
CA ALA E 392 -15.85 3.98 -43.48
C ALA E 392 -15.82 3.30 -44.83
N PRO E 393 -14.67 3.15 -45.52
CA PRO E 393 -14.71 2.48 -46.83
C PRO E 393 -15.17 1.04 -46.76
N TYR E 394 -14.90 0.34 -45.66
CA TYR E 394 -15.35 -1.03 -45.50
C TYR E 394 -16.87 -1.11 -45.50
N TYR E 395 -17.53 -0.16 -44.85
CA TYR E 395 -18.99 -0.14 -44.79
C TYR E 395 -19.62 0.69 -45.91
N VAL E 396 -18.86 1.58 -46.56
CA VAL E 396 -19.34 2.21 -47.78
C VAL E 396 -19.45 1.18 -48.89
N LEU E 397 -18.43 0.33 -49.04
CA LEU E 397 -18.49 -0.76 -50.01
C LEU E 397 -19.48 -1.84 -49.57
N GLN E 398 -19.70 -1.99 -48.26
CA GLN E 398 -20.68 -2.95 -47.78
C GLN E 398 -22.08 -2.59 -48.25
N LEU E 399 -22.42 -1.30 -48.20
CA LEU E 399 -23.72 -0.85 -48.68
C LEU E 399 -23.78 -0.78 -50.20
N THR E 400 -22.67 -0.45 -50.84
CA THR E 400 -22.66 -0.32 -52.30
C THR E 400 -22.91 -1.65 -52.99
N GLN E 401 -22.33 -2.74 -52.46
CA GLN E 401 -22.43 -4.03 -53.13
C GLN E 401 -23.85 -4.59 -53.10
N LEU E 402 -24.76 -4.00 -52.33
CA LEU E 402 -26.14 -4.45 -52.34
C LEU E 402 -26.76 -4.26 -53.72
N SER E 403 -26.50 -3.12 -54.36
CA SER E 403 -26.98 -2.90 -55.72
C SER E 403 -26.12 -3.63 -56.75
N ILE E 404 -24.85 -3.84 -56.47
CA ILE E 404 -23.95 -4.49 -57.41
C ILE E 404 -24.26 -5.97 -57.46
N SER E 405 -24.41 -6.50 -58.68
CA SER E 405 -24.68 -7.91 -58.90
C SER E 405 -23.46 -8.67 -59.39
N ARG E 406 -22.74 -8.14 -60.37
CA ARG E 406 -21.52 -8.76 -60.89
C ARG E 406 -20.35 -7.84 -60.64
N PRO E 407 -19.57 -8.06 -59.59
CA PRO E 407 -18.44 -7.16 -59.31
C PRO E 407 -17.36 -7.27 -60.36
N THR E 408 -16.64 -6.16 -60.55
CA THR E 408 -15.55 -6.08 -61.49
C THR E 408 -14.21 -6.15 -60.76
N LEU E 409 -13.12 -6.17 -61.54
CA LEU E 409 -11.79 -6.26 -60.96
C LEU E 409 -11.47 -5.05 -60.09
N THR E 410 -11.87 -3.85 -60.54
CA THR E 410 -11.61 -2.65 -59.76
C THR E 410 -12.33 -2.69 -58.42
N PHE E 411 -13.59 -3.14 -58.41
CA PHE E 411 -14.34 -3.25 -57.16
C PHE E 411 -13.72 -4.29 -56.24
N VAL E 412 -13.28 -5.42 -56.80
CA VAL E 412 -12.67 -6.47 -55.98
C VAL E 412 -11.38 -5.97 -55.34
N TYR E 413 -10.55 -5.26 -56.11
CA TYR E 413 -9.32 -4.71 -55.57
C TYR E 413 -9.60 -3.69 -54.47
N LEU E 414 -10.60 -2.84 -54.66
CA LEU E 414 -10.97 -1.88 -53.63
C LEU E 414 -11.48 -2.58 -52.38
N TYR E 415 -12.29 -3.64 -52.55
CA TYR E 415 -12.87 -4.33 -51.41
C TYR E 415 -11.80 -4.99 -50.57
N ASN E 416 -10.79 -5.60 -51.20
CA ASN E 416 -9.69 -6.20 -50.45
C ASN E 416 -8.87 -5.15 -49.72
N ALA E 417 -8.70 -3.97 -50.31
CA ALA E 417 -8.03 -2.88 -49.62
C ALA E 417 -8.85 -2.41 -48.42
N ALA E 418 -10.18 -2.38 -48.55
CA ALA E 418 -11.02 -1.99 -47.43
C ALA E 418 -10.93 -3.00 -46.29
N ILE E 419 -10.77 -4.29 -46.61
CA ILE E 419 -10.60 -5.30 -45.58
C ILE E 419 -9.30 -5.06 -44.82
N SER E 420 -8.23 -4.71 -45.55
CA SER E 420 -6.95 -4.44 -44.90
C SER E 420 -7.03 -3.22 -43.99
N LEU E 421 -7.77 -2.19 -44.42
CA LEU E 421 -7.93 -0.99 -43.61
C LEU E 421 -8.65 -1.31 -42.30
N GLY E 422 -9.64 -2.20 -42.36
CA GLY E 422 -10.32 -2.59 -41.14
C GLY E 422 -9.39 -3.23 -40.13
N TYR E 423 -8.46 -4.07 -40.60
CA TYR E 423 -7.47 -4.65 -39.70
C TYR E 423 -6.48 -3.60 -39.22
N ALA E 424 -6.23 -2.56 -40.03
CA ALA E 424 -5.31 -1.50 -39.65
C ALA E 424 -5.80 -0.72 -38.44
N ASN E 425 -7.12 -0.72 -38.18
CA ASN E 425 -7.63 -0.05 -36.99
C ASN E 425 -7.07 -0.67 -35.71
N SER E 426 -7.04 -2.00 -35.66
CA SER E 426 -6.45 -2.68 -34.50
C SER E 426 -4.93 -2.54 -34.49
N CYS E 427 -4.32 -2.17 -35.62
CA CYS E 427 -2.89 -1.88 -35.64
C CYS E 427 -2.60 -0.46 -35.19
N LEU E 428 -3.47 0.49 -35.53
CA LEU E 428 -3.25 1.90 -35.19
C LEU E 428 -3.75 2.27 -33.81
N ASN E 429 -4.71 1.54 -33.25
CA ASN E 429 -5.20 1.85 -31.91
C ASN E 429 -4.10 1.83 -30.85
N PRO E 430 -3.25 0.79 -30.76
CA PRO E 430 -2.17 0.85 -29.75
C PRO E 430 -1.19 1.99 -29.99
N PHE E 431 -0.90 2.32 -31.25
CA PHE E 431 0.06 3.37 -31.53
C PHE E 431 -0.50 4.77 -31.29
N VAL E 432 -1.82 4.94 -31.32
CA VAL E 432 -2.41 6.22 -30.91
C VAL E 432 -2.13 6.46 -29.44
N TYR E 433 -2.25 5.42 -28.63
CA TYR E 433 -1.98 5.54 -27.19
C TYR E 433 -0.49 5.64 -26.91
N ILE E 434 0.34 4.96 -27.71
CA ILE E 434 1.79 5.00 -27.48
C ILE E 434 2.35 6.37 -27.83
N VAL E 435 1.89 6.96 -28.93
CA VAL E 435 2.48 8.19 -29.44
C VAL E 435 1.87 9.42 -28.78
N LEU E 436 0.55 9.49 -28.68
CA LEU E 436 -0.13 10.72 -28.26
C LEU E 436 -0.29 10.85 -26.75
N CYS E 437 0.09 9.84 -25.97
CA CYS E 437 0.04 9.92 -24.51
C CYS E 437 1.45 10.14 -24.00
N GLU E 438 1.70 11.37 -23.51
CA GLU E 438 3.04 11.71 -23.04
C GLU E 438 3.42 10.89 -21.81
N THR E 439 2.48 10.69 -20.88
CA THR E 439 2.79 9.92 -19.67
C THR E 439 3.17 8.49 -20.01
N PHE E 440 2.42 7.85 -20.91
CA PHE E 440 2.74 6.48 -21.30
C PHE E 440 4.02 6.42 -22.12
N ARG E 441 4.20 7.37 -23.05
CA ARG E 441 5.36 7.34 -23.93
C ARG E 441 6.65 7.54 -23.16
N LYS E 442 6.66 8.48 -22.22
CA LYS E 442 7.86 8.72 -21.42
C LYS E 442 8.20 7.51 -20.56
N ARG E 443 7.19 6.87 -19.97
CA ARG E 443 7.42 5.70 -19.14
C ARG E 443 7.95 4.54 -19.99
N LEU E 444 7.44 4.38 -21.20
CA LEU E 444 7.92 3.31 -22.08
C LEU E 444 9.37 3.55 -22.50
N VAL E 445 9.74 4.80 -22.77
CA VAL E 445 11.10 5.10 -23.19
C VAL E 445 12.09 4.79 -22.06
N LEU E 446 11.68 5.01 -20.81
CA LEU E 446 12.57 4.72 -19.69
C LEU E 446 12.96 3.26 -19.64
N SER E 447 12.00 2.36 -19.90
CA SER E 447 12.30 0.93 -19.94
C SER E 447 13.21 0.56 -21.11
N VAL E 448 13.23 1.38 -22.17
CA VAL E 448 14.07 1.10 -23.33
C VAL E 448 15.43 1.76 -23.15
N ASP F 1 -3.47 -16.46 -58.17
CA ASP F 1 -3.67 -16.89 -59.55
C ASP F 1 -4.97 -17.67 -59.71
N PHE F 2 -6.09 -16.95 -59.65
CA PHE F 2 -7.41 -17.56 -59.78
C PHE F 2 -8.39 -16.50 -60.25
N ASP F 3 -9.61 -16.92 -60.53
CA ASP F 3 -10.67 -16.01 -60.99
C ASP F 3 -11.23 -15.30 -59.77
N MET F 4 -10.60 -14.18 -59.40
CA MET F 4 -10.99 -13.42 -58.21
C MET F 4 -12.08 -12.41 -58.55
N LEU F 5 -13.21 -12.94 -59.02
CA LEU F 5 -14.40 -12.14 -59.31
C LEU F 5 -15.59 -12.61 -58.47
N ARG F 6 -15.31 -13.25 -57.34
CA ARG F 6 -16.37 -13.75 -56.47
C ARG F 6 -17.00 -12.62 -55.68
N CYS F 7 -18.27 -12.78 -55.36
CA CYS F 7 -18.97 -11.83 -54.52
C CYS F 7 -18.57 -12.03 -53.06
N MET F 8 -18.67 -10.96 -52.28
CA MET F 8 -18.22 -10.96 -50.90
C MET F 8 -19.29 -10.39 -49.99
N LEU F 9 -19.33 -10.88 -48.76
CA LEU F 9 -20.22 -10.37 -47.72
C LEU F 9 -19.42 -10.30 -46.43
N GLY F 10 -18.93 -9.11 -46.09
CA GLY F 10 -18.03 -8.97 -44.97
C GLY F 10 -16.62 -9.32 -45.36
N ARG F 11 -15.95 -10.14 -44.54
CA ARG F 11 -14.61 -10.62 -44.85
C ARG F 11 -14.63 -12.04 -45.42
N VAL F 12 -15.81 -12.56 -45.77
CA VAL F 12 -15.95 -13.88 -46.36
C VAL F 12 -16.81 -13.77 -47.61
N TYR F 13 -16.74 -14.80 -48.44
CA TYR F 13 -17.43 -14.79 -49.72
C TYR F 13 -18.94 -14.93 -49.53
N ARG F 14 -19.67 -14.66 -50.60
CA ARG F 14 -21.10 -14.93 -50.68
C ARG F 14 -21.42 -15.36 -52.10
N PRO F 15 -22.45 -16.18 -52.29
CA PRO F 15 -22.81 -16.58 -53.66
C PRO F 15 -23.38 -15.42 -54.45
N CYS F 16 -22.90 -15.27 -55.68
CA CYS F 16 -23.37 -14.19 -56.54
C CYS F 16 -24.79 -14.47 -57.02
N TRP F 17 -25.51 -13.40 -57.33
CA TRP F 17 -26.88 -13.50 -57.82
C TRP F 17 -27.05 -12.81 -59.16
#